data_1V25
#
_entry.id   1V25
#
_cell.length_a   64.520
_cell.length_b   101.151
_cell.length_c   176.487
_cell.angle_alpha   90.00
_cell.angle_beta   90.00
_cell.angle_gamma   90.00
#
_symmetry.space_group_name_H-M   'P 21 21 21'
#
loop_
_entity.id
_entity.type
_entity.pdbx_description
1 polymer 'long-chain-fatty-acid-CoA synthetase'
2 non-polymer 'MAGNESIUM ION'
3 non-polymer 'PHOSPHOAMINOPHOSPHONIC ACID-ADENYLATE ESTER'
4 water water
#
_entity_poly.entity_id   1
_entity_poly.type   'polypeptide(L)'
_entity_poly.pdbx_seq_one_letter_code
;MEGERMNAFPSTMMDEELNLWDFLERAAALFGRKEVVSRLHTGEVHRTTYAEVYQRARRLMGGLRALGVGVGDRVATLGF
NHFRHLEAYFAVPGMGAVLHTANPRLSPKEIAYILNHAEDKVLLFDPNLLPLVEAIRGELKTVQHFVVMDEKAPEGYLAY
EEALGEEADPVRVPERAACGMAYTTGTTGLPKGVVYSHRALVLHSLAASLVDGTALSEKDVVLPVVPMFHVNAWCLPYAA
TLVGAKQVLPGPRLDPASLVELFDGEGVTFTAGVPTVWLALADYLESTGHRLKTLRRLVVGGSAAPRSLIARFERMGVEV
RQGYGLTETSPVVVQNFVKSHLESLSEEEKLTLKAKTGLPIPLVRLRVADEEGRPVPKDGKALGEVQLKGPWITGGYYGN
EEATRSALTPDGFFRTGDIAVWDEEGYVEIKDRLKDLIKSGGEWISSVDLENALMGHPKVKEAAVVAIPHPKWQERPLAV
VVPRGEKPTPEELNEHLLKAGFAKWQLPDAYVFAEEIPRTSAGKFLKRALREQYKNYYGGA
;
_entity_poly.pdbx_strand_id   A,B
#
# COMPACT_ATOMS: atom_id res chain seq x y z
N ALA A 8 -20.59 3.18 -17.00
CA ALA A 8 -20.59 3.28 -18.50
C ALA A 8 -19.64 2.24 -19.09
N PHE A 9 -18.50 2.06 -18.44
CA PHE A 9 -17.58 0.99 -18.81
C PHE A 9 -17.15 0.20 -17.58
N PRO A 10 -17.65 -1.02 -17.47
CA PRO A 10 -17.27 -1.91 -16.37
C PRO A 10 -15.86 -2.45 -16.56
N SER A 11 -15.15 -2.64 -15.46
CA SER A 11 -13.86 -3.31 -15.49
C SER A 11 -14.08 -4.81 -15.41
N THR A 12 -13.03 -5.58 -15.69
CA THR A 12 -13.09 -7.04 -15.59
C THR A 12 -12.50 -7.55 -14.28
N MET A 13 -12.12 -6.62 -13.40
CA MET A 13 -11.50 -6.96 -12.12
C MET A 13 -12.48 -7.68 -11.20
N MET A 14 -11.95 -8.64 -10.44
CA MET A 14 -12.71 -9.36 -9.43
C MET A 14 -13.24 -8.42 -8.36
N ASP A 15 -14.46 -8.66 -7.92
CA ASP A 15 -15.06 -7.94 -6.80
C ASP A 15 -14.69 -8.63 -5.50
N GLU A 16 -13.43 -8.50 -5.12
CA GLU A 16 -12.89 -9.09 -3.90
C GLU A 16 -12.90 -8.01 -2.81
N GLU A 17 -13.53 -8.30 -1.68
CA GLU A 17 -13.63 -7.37 -0.56
C GLU A 17 -12.35 -7.32 0.26
N LEU A 18 -12.02 -6.14 0.77
CA LEU A 18 -10.93 -5.99 1.73
C LEU A 18 -11.42 -6.47 3.10
N ASN A 19 -10.58 -7.24 3.80
CA ASN A 19 -10.93 -7.77 5.11
C ASN A 19 -9.70 -7.92 6.01
N LEU A 20 -9.86 -7.56 7.29
CA LEU A 20 -8.77 -7.61 8.26
C LEU A 20 -8.25 -9.03 8.52
N TRP A 21 -9.14 -10.01 8.43
CA TRP A 21 -8.76 -11.41 8.65
C TRP A 21 -7.69 -11.89 7.67
N ASP A 22 -7.68 -11.31 6.46
CA ASP A 22 -6.71 -11.65 5.43
C ASP A 22 -5.26 -11.36 5.84
N PHE A 23 -5.06 -10.43 6.78
CA PHE A 23 -3.72 -10.13 7.29
C PHE A 23 -3.18 -11.31 8.08
N LEU A 24 -3.98 -11.82 9.01
CA LEU A 24 -3.55 -12.92 9.87
C LEU A 24 -3.47 -14.25 9.11
N GLU A 25 -4.38 -14.43 8.16
CA GLU A 25 -4.37 -15.62 7.30
C GLU A 25 -3.07 -15.70 6.49
N ARG A 26 -2.66 -14.56 5.94
CA ARG A 26 -1.40 -14.47 5.20
C ARG A 26 -0.20 -14.63 6.13
N ALA A 27 -0.30 -14.07 7.33
CA ALA A 27 0.76 -14.19 8.35
C ALA A 27 1.00 -15.65 8.73
N ALA A 28 -0.09 -16.38 8.94
CA ALA A 28 -0.03 -17.81 9.30
C ALA A 28 0.54 -18.69 8.18
N ALA A 29 0.24 -18.33 6.94
CA ALA A 29 0.69 -19.11 5.78
C ALA A 29 2.14 -18.84 5.38
N LEU A 30 2.57 -17.58 5.46
CA LEU A 30 3.89 -17.20 4.98
C LEU A 30 4.91 -16.93 6.09
N PHE A 31 4.41 -16.50 7.24
CA PHE A 31 5.28 -16.11 8.35
C PHE A 31 4.82 -16.74 9.68
N GLY A 32 4.37 -17.98 9.60
CA GLY A 32 3.76 -18.67 10.74
C GLY A 32 4.65 -18.86 11.97
N ARG A 33 5.96 -18.93 11.76
CA ARG A 33 6.92 -19.12 12.85
C ARG A 33 7.38 -17.80 13.49
N LYS A 34 7.03 -16.67 12.88
CA LYS A 34 7.36 -15.36 13.42
C LYS A 34 6.67 -15.16 14.76
N GLU A 35 7.41 -14.62 15.73
CA GLU A 35 6.97 -14.60 17.12
C GLU A 35 6.10 -13.42 17.52
N VAL A 36 5.18 -13.67 18.44
CA VAL A 36 4.46 -12.62 19.15
C VAL A 36 4.83 -12.76 20.62
N VAL A 37 5.49 -11.74 21.17
CA VAL A 37 6.01 -11.80 22.54
C VAL A 37 5.26 -10.82 23.43
N SER A 38 4.83 -11.31 24.59
CA SER A 38 4.04 -10.50 25.52
C SER A 38 4.60 -10.49 26.93
N ARG A 39 4.69 -9.31 27.53
CA ARG A 39 4.95 -9.20 28.95
C ARG A 39 3.63 -8.96 29.67
N LEU A 40 3.22 -9.90 30.51
CA LEU A 40 1.96 -9.80 31.24
C LEU A 40 2.08 -8.85 32.44
N HIS A 41 0.96 -8.60 33.12
CA HIS A 41 0.92 -7.67 34.26
C HIS A 41 1.83 -8.10 35.42
N THR A 42 2.11 -9.40 35.51
CA THR A 42 2.98 -9.94 36.55
C THR A 42 4.48 -9.79 36.24
N GLY A 43 4.81 -9.46 34.99
CA GLY A 43 6.20 -9.31 34.59
C GLY A 43 6.73 -10.51 33.83
N GLU A 44 5.97 -11.60 33.82
CA GLU A 44 6.33 -12.80 33.06
C GLU A 44 6.23 -12.56 31.55
N VAL A 45 7.09 -13.26 30.81
CA VAL A 45 7.19 -13.13 29.36
C VAL A 45 6.59 -14.35 28.67
N HIS A 46 5.56 -14.12 27.86
CA HIS A 46 4.88 -15.17 27.11
C HIS A 46 5.30 -15.16 25.64
N ARG A 47 5.51 -16.35 25.07
CA ARG A 47 5.91 -16.49 23.67
C ARG A 47 4.92 -17.32 22.87
N THR A 48 4.44 -16.75 21.77
CA THR A 48 3.64 -17.49 20.79
C THR A 48 4.02 -17.06 19.37
N THR A 49 3.36 -17.63 18.35
CA THR A 49 3.65 -17.31 16.96
C THR A 49 2.37 -16.96 16.18
N TYR A 50 2.54 -16.48 14.95
CA TYR A 50 1.39 -16.18 14.09
C TYR A 50 0.52 -17.42 13.79
N ALA A 51 1.17 -18.56 13.60
CA ALA A 51 0.45 -19.82 13.37
C ALA A 51 -0.47 -20.18 14.54
N GLU A 52 0.04 -20.03 15.76
CA GLU A 52 -0.72 -20.32 16.96
C GLU A 52 -1.79 -19.27 17.27
N VAL A 53 -1.47 -17.99 17.02
CA VAL A 53 -2.43 -16.90 17.19
C VAL A 53 -3.62 -17.12 16.25
N TYR A 54 -3.33 -17.50 15.00
CA TYR A 54 -4.34 -17.78 13.98
C TYR A 54 -5.25 -18.94 14.38
N GLN A 55 -4.65 -20.03 14.88
CA GLN A 55 -5.40 -21.19 15.38
C GLN A 55 -6.32 -20.80 16.53
N ARG A 56 -5.78 -20.05 17.48
CA ARG A 56 -6.51 -19.65 18.67
C ARG A 56 -7.55 -18.56 18.39
N ALA A 57 -7.28 -17.74 17.37
CA ALA A 57 -8.26 -16.73 16.92
C ALA A 57 -9.48 -17.39 16.29
N ARG A 58 -9.26 -18.51 15.59
CA ARG A 58 -10.34 -19.28 15.01
C ARG A 58 -11.18 -19.93 16.12
N ARG A 59 -10.51 -20.30 17.21
CA ARG A 59 -11.15 -20.89 18.38
C ARG A 59 -11.97 -19.83 19.12
N LEU A 60 -11.44 -18.61 19.15
CA LEU A 60 -12.15 -17.49 19.77
C LEU A 60 -13.42 -17.13 18.99
N MET A 61 -13.35 -17.20 17.67
CA MET A 61 -14.52 -16.98 16.82
C MET A 61 -15.64 -17.98 17.12
N GLY A 62 -15.26 -19.25 17.25
CA GLY A 62 -16.20 -20.30 17.61
C GLY A 62 -16.72 -20.15 19.03
N GLY A 63 -15.85 -19.75 19.95
CA GLY A 63 -16.22 -19.51 21.33
C GLY A 63 -17.19 -18.37 21.50
N LEU A 64 -16.94 -17.26 20.80
CA LEU A 64 -17.81 -16.09 20.85
C LEU A 64 -19.18 -16.36 20.24
N ARG A 65 -19.21 -17.16 19.18
CA ARG A 65 -20.47 -17.61 18.58
C ARG A 65 -21.31 -18.39 19.59
N ALA A 66 -20.64 -19.26 20.37
CA ALA A 66 -21.31 -20.04 21.40
C ALA A 66 -21.83 -19.13 22.52
N LEU A 67 -21.26 -17.93 22.62
CA LEU A 67 -21.68 -16.97 23.63
C LEU A 67 -22.79 -16.05 23.12
N GLY A 68 -23.18 -16.23 21.85
CA GLY A 68 -24.28 -15.47 21.26
C GLY A 68 -23.91 -14.30 20.37
N VAL A 69 -22.63 -14.17 20.03
CA VAL A 69 -22.16 -13.08 19.18
C VAL A 69 -22.43 -13.38 17.71
N GLY A 70 -23.09 -12.45 17.03
CA GLY A 70 -23.35 -12.56 15.61
C GLY A 70 -22.79 -11.36 14.85
N VAL A 71 -23.01 -11.35 13.54
CA VAL A 71 -22.55 -10.27 12.66
C VAL A 71 -23.13 -8.93 13.13
N GLY A 72 -22.27 -7.94 13.30
CA GLY A 72 -22.69 -6.61 13.71
C GLY A 72 -22.71 -6.37 15.21
N ASP A 73 -22.66 -7.45 16.00
CA ASP A 73 -22.63 -7.33 17.47
C ASP A 73 -21.31 -6.73 17.95
N ARG A 74 -21.38 -6.01 19.07
CA ARG A 74 -20.20 -5.39 19.64
C ARG A 74 -19.58 -6.26 20.73
N VAL A 75 -18.28 -6.52 20.59
CA VAL A 75 -17.49 -7.19 21.63
C VAL A 75 -16.45 -6.20 22.11
N ALA A 76 -16.52 -5.86 23.40
CA ALA A 76 -15.64 -4.86 23.99
C ALA A 76 -14.40 -5.47 24.65
N THR A 77 -13.31 -4.69 24.62
CA THR A 77 -12.11 -5.04 25.36
C THR A 77 -11.74 -3.92 26.34
N LEU A 78 -11.21 -4.32 27.48
CA LEU A 78 -10.60 -3.41 28.46
C LEU A 78 -9.27 -4.04 28.85
N GLY A 79 -8.22 -3.74 28.09
CA GLY A 79 -6.93 -4.35 28.33
C GLY A 79 -5.74 -3.68 27.68
N PHE A 80 -4.55 -4.09 28.10
CA PHE A 80 -3.31 -3.54 27.57
C PHE A 80 -2.79 -4.45 26.45
N ASN A 81 -1.55 -4.21 26.03
CA ASN A 81 -1.01 -4.92 24.86
C ASN A 81 -0.44 -6.29 25.18
N HIS A 82 -1.12 -7.34 24.70
CA HIS A 82 -0.66 -8.72 24.86
C HIS A 82 -1.31 -9.61 23.80
N PHE A 83 -0.88 -10.87 23.75
CA PHE A 83 -1.29 -11.80 22.68
C PHE A 83 -2.79 -12.09 22.63
N ARG A 84 -3.44 -12.09 23.79
CA ARG A 84 -4.89 -12.34 23.85
C ARG A 84 -5.68 -11.17 23.27
N HIS A 85 -5.15 -9.96 23.45
CA HIS A 85 -5.73 -8.77 22.84
C HIS A 85 -5.55 -8.80 21.33
N LEU A 86 -4.40 -9.31 20.87
CA LEU A 86 -4.11 -9.45 19.45
C LEU A 86 -5.02 -10.49 18.81
N GLU A 87 -5.29 -11.56 19.54
CA GLU A 87 -6.20 -12.61 19.07
C GLU A 87 -7.62 -12.04 18.90
N ALA A 88 -8.04 -11.20 19.84
CA ALA A 88 -9.33 -10.53 19.75
C ALA A 88 -9.39 -9.54 18.58
N TYR A 89 -8.28 -8.86 18.31
CA TYR A 89 -8.17 -7.90 17.21
C TYR A 89 -8.55 -8.51 15.86
N PHE A 90 -8.34 -9.82 15.72
CA PHE A 90 -8.64 -10.51 14.47
C PHE A 90 -9.91 -11.34 14.53
N ALA A 91 -10.14 -11.99 15.66
CA ALA A 91 -11.30 -12.87 15.81
C ALA A 91 -12.62 -12.12 15.73
N VAL A 92 -12.70 -10.97 16.38
CA VAL A 92 -13.95 -10.20 16.41
C VAL A 92 -14.35 -9.66 15.02
N PRO A 93 -13.45 -8.95 14.33
CA PRO A 93 -13.73 -8.54 12.94
C PRO A 93 -13.80 -9.74 12.00
N GLY A 94 -13.09 -10.82 12.34
CA GLY A 94 -13.08 -12.04 11.54
C GLY A 94 -14.43 -12.73 11.44
N MET A 95 -15.22 -12.66 12.50
CA MET A 95 -16.54 -13.28 12.51
C MET A 95 -17.63 -12.28 12.10
N GLY A 96 -17.21 -11.11 11.62
CA GLY A 96 -18.13 -10.09 11.16
C GLY A 96 -18.70 -9.23 12.28
N ALA A 97 -18.08 -9.31 13.46
CA ALA A 97 -18.52 -8.54 14.61
C ALA A 97 -17.70 -7.26 14.76
N VAL A 98 -18.02 -6.48 15.79
CA VAL A 98 -17.43 -5.15 15.97
C VAL A 98 -16.56 -5.09 17.23
N LEU A 99 -15.26 -4.86 17.03
CA LEU A 99 -14.31 -4.78 18.12
C LEU A 99 -14.33 -3.39 18.74
N HIS A 100 -14.85 -3.33 19.96
CA HIS A 100 -14.96 -2.07 20.68
C HIS A 100 -13.85 -1.97 21.73
N THR A 101 -12.79 -1.25 21.40
CA THR A 101 -11.67 -1.06 22.33
C THR A 101 -12.01 0.07 23.29
N ALA A 102 -12.18 -0.29 24.57
CA ALA A 102 -12.51 0.67 25.60
C ALA A 102 -11.30 1.00 26.46
N ASN A 103 -11.26 2.24 26.93
CA ASN A 103 -10.13 2.77 27.70
C ASN A 103 -10.33 2.56 29.21
N PRO A 104 -9.48 1.72 29.82
CA PRO A 104 -9.56 1.42 31.25
C PRO A 104 -9.07 2.53 32.16
N ARG A 105 -8.41 3.54 31.60
CA ARG A 105 -7.89 4.64 32.39
C ARG A 105 -8.97 5.69 32.68
N LEU A 106 -10.11 5.61 32.01
CA LEU A 106 -11.20 6.55 32.22
C LEU A 106 -11.94 6.27 33.53
N SER A 107 -12.78 7.21 33.93
CA SER A 107 -13.59 7.05 35.15
C SER A 107 -14.59 5.91 34.97
N PRO A 108 -14.91 5.21 36.05
CA PRO A 108 -15.94 4.14 36.03
C PRO A 108 -17.27 4.58 35.40
N LYS A 109 -17.63 5.84 35.61
CA LYS A 109 -18.87 6.41 35.06
C LYS A 109 -18.79 6.55 33.54
N GLU A 110 -17.63 6.97 33.05
CA GLU A 110 -17.38 7.12 31.62
C GLU A 110 -17.39 5.77 30.89
N ILE A 111 -16.75 4.77 31.52
CA ILE A 111 -16.69 3.43 30.95
C ILE A 111 -18.09 2.81 30.88
N ALA A 112 -18.85 2.95 31.97
CA ALA A 112 -20.22 2.45 32.02
C ALA A 112 -21.11 3.07 30.94
N TYR A 113 -20.95 4.37 30.72
CA TYR A 113 -21.71 5.07 29.68
C TYR A 113 -21.36 4.54 28.29
N ILE A 114 -20.07 4.40 28.01
CA ILE A 114 -19.59 4.00 26.69
C ILE A 114 -19.99 2.56 26.35
N LEU A 115 -19.91 1.67 27.34
CA LEU A 115 -20.28 0.27 27.15
C LEU A 115 -21.78 0.12 26.96
N ASN A 116 -22.54 0.97 27.66
CA ASN A 116 -24.00 0.99 27.56
C ASN A 116 -24.49 1.62 26.26
N HIS A 117 -23.79 2.64 25.79
CA HIS A 117 -24.13 3.33 24.55
C HIS A 117 -23.85 2.46 23.33
N ALA A 118 -22.73 1.74 23.37
CA ALA A 118 -22.34 0.82 22.29
C ALA A 118 -23.15 -0.48 22.33
N GLU A 119 -23.74 -0.75 23.49
CA GLU A 119 -24.53 -1.97 23.73
C GLU A 119 -23.72 -3.23 23.46
N ASP A 120 -22.54 -3.29 24.08
CA ASP A 120 -21.67 -4.44 23.96
C ASP A 120 -22.31 -5.68 24.57
N LYS A 121 -22.13 -6.81 23.89
CA LYS A 121 -22.71 -8.08 24.29
C LYS A 121 -21.75 -8.85 25.20
N VAL A 122 -20.46 -8.72 24.90
CA VAL A 122 -19.41 -9.44 25.62
C VAL A 122 -18.26 -8.46 25.93
N LEU A 123 -17.71 -8.58 27.13
CA LEU A 123 -16.58 -7.78 27.57
C LEU A 123 -15.37 -8.67 27.88
N LEU A 124 -14.26 -8.43 27.18
CA LEU A 124 -13.00 -9.09 27.47
C LEU A 124 -12.12 -8.11 28.25
N PHE A 125 -11.57 -8.54 29.38
CA PHE A 125 -10.80 -7.65 30.23
C PHE A 125 -9.64 -8.33 30.96
N ASP A 126 -8.59 -7.55 31.22
CA ASP A 126 -7.40 -8.04 31.93
C ASP A 126 -7.67 -8.32 33.40
N PRO A 127 -7.00 -9.34 33.95
CA PRO A 127 -7.19 -9.75 35.35
C PRO A 127 -6.95 -8.62 36.36
N ASN A 128 -5.91 -7.82 36.16
CA ASN A 128 -5.62 -6.69 37.03
C ASN A 128 -6.66 -5.55 36.97
N LEU A 129 -7.67 -5.72 36.12
CA LEU A 129 -8.74 -4.74 35.98
C LEU A 129 -10.08 -5.25 36.50
N LEU A 130 -10.04 -6.37 37.22
CA LEU A 130 -11.23 -6.95 37.83
C LEU A 130 -11.95 -6.01 38.81
N PRO A 131 -11.22 -5.34 39.72
CA PRO A 131 -11.86 -4.39 40.66
C PRO A 131 -12.71 -3.34 39.95
N LEU A 132 -12.22 -2.83 38.82
CA LEU A 132 -12.95 -1.85 38.02
C LEU A 132 -14.20 -2.44 37.37
N VAL A 133 -14.08 -3.67 36.88
CA VAL A 133 -15.21 -4.35 36.25
C VAL A 133 -16.28 -4.69 37.30
N GLU A 134 -15.85 -5.16 38.47
CA GLU A 134 -16.75 -5.45 39.58
C GLU A 134 -17.47 -4.18 40.05
N ALA A 135 -16.76 -3.05 39.95
CA ALA A 135 -17.30 -1.74 40.34
C ALA A 135 -18.40 -1.25 39.41
N ILE A 136 -18.22 -1.46 38.10
CA ILE A 136 -19.18 -0.96 37.10
C ILE A 136 -20.22 -1.98 36.67
N ARG A 137 -20.00 -3.25 37.02
CA ARG A 137 -20.85 -4.35 36.57
C ARG A 137 -22.35 -4.07 36.74
N GLY A 138 -22.72 -3.53 37.91
CA GLY A 138 -24.11 -3.23 38.22
C GLY A 138 -24.73 -2.13 37.37
N GLU A 139 -23.88 -1.34 36.72
CA GLU A 139 -24.33 -0.25 35.85
C GLU A 139 -24.52 -0.69 34.40
N LEU A 140 -23.91 -1.83 34.06
CA LEU A 140 -23.96 -2.34 32.69
C LEU A 140 -25.30 -3.01 32.40
N LYS A 141 -25.90 -2.67 31.26
CA LYS A 141 -27.24 -3.11 30.94
C LYS A 141 -27.31 -4.12 29.77
N THR A 142 -26.23 -4.23 28.99
CA THR A 142 -26.23 -5.09 27.81
C THR A 142 -25.25 -6.27 27.88
N VAL A 143 -24.18 -6.12 28.64
CA VAL A 143 -23.14 -7.15 28.71
C VAL A 143 -23.67 -8.45 29.30
N GLN A 144 -23.69 -9.50 28.48
CA GLN A 144 -24.20 -10.81 28.86
C GLN A 144 -23.10 -11.72 29.36
N HIS A 145 -21.87 -11.48 28.93
CA HIS A 145 -20.75 -12.34 29.31
C HIS A 145 -19.49 -11.53 29.64
N PHE A 146 -18.89 -11.83 30.78
CA PHE A 146 -17.67 -11.17 31.21
C PHE A 146 -16.51 -12.17 31.16
N VAL A 147 -15.55 -11.89 30.30
CA VAL A 147 -14.43 -12.80 30.05
C VAL A 147 -13.11 -12.19 30.53
N VAL A 148 -12.45 -12.88 31.44
CA VAL A 148 -11.13 -12.49 31.92
C VAL A 148 -10.06 -13.03 31.00
N MET A 149 -9.23 -12.15 30.46
CA MET A 149 -8.16 -12.56 29.54
C MET A 149 -7.00 -13.20 30.30
N ASP A 150 -7.21 -14.46 30.69
CA ASP A 150 -6.26 -15.23 31.50
C ASP A 150 -6.63 -16.71 31.49
N GLU A 151 -5.81 -17.53 32.16
CA GLU A 151 -6.06 -18.97 32.27
C GLU A 151 -7.24 -19.26 33.18
N LYS A 152 -7.42 -18.42 34.19
CA LYS A 152 -8.44 -18.64 35.23
C LYS A 152 -9.30 -17.40 35.48
N ALA A 153 -10.49 -17.63 36.02
CA ALA A 153 -11.43 -16.57 36.36
C ALA A 153 -12.21 -16.91 37.62
N PRO A 154 -12.57 -15.91 38.42
CA PRO A 154 -13.37 -16.14 39.64
C PRO A 154 -14.85 -16.37 39.33
N GLU A 155 -15.63 -16.55 40.40
CA GLU A 155 -17.07 -16.85 40.31
C GLU A 155 -17.87 -15.77 39.57
N GLY A 156 -18.75 -16.22 38.67
CA GLY A 156 -19.56 -15.32 37.88
C GLY A 156 -18.82 -14.79 36.66
N TYR A 157 -17.55 -15.14 36.55
CA TYR A 157 -16.71 -14.72 35.43
C TYR A 157 -16.25 -15.93 34.65
N LEU A 158 -15.98 -15.72 33.36
CA LEU A 158 -15.55 -16.77 32.45
C LEU A 158 -14.10 -16.52 32.07
N ALA A 159 -13.30 -17.57 32.09
CA ALA A 159 -11.90 -17.46 31.69
C ALA A 159 -11.78 -17.56 30.17
N TYR A 160 -10.86 -16.77 29.62
CA TYR A 160 -10.61 -16.72 28.18
C TYR A 160 -10.27 -18.10 27.61
N GLU A 161 -9.42 -18.84 28.32
CA GLU A 161 -8.99 -20.17 27.88
C GLU A 161 -10.15 -21.17 27.91
N GLU A 162 -11.11 -20.96 28.83
CA GLU A 162 -12.33 -21.77 28.88
C GLU A 162 -13.32 -21.35 27.80
N ALA A 163 -13.37 -20.04 27.52
CA ALA A 163 -14.31 -19.47 26.55
C ALA A 163 -14.00 -19.88 25.11
N LEU A 164 -12.76 -20.24 24.83
CA LEU A 164 -12.37 -20.70 23.50
C LEU A 164 -13.17 -21.94 23.12
N GLY A 165 -13.66 -21.97 21.89
CA GLY A 165 -14.42 -23.12 21.40
C GLY A 165 -13.73 -23.81 20.24
N GLU A 166 -14.53 -24.50 19.43
CA GLU A 166 -14.05 -25.15 18.21
C GLU A 166 -13.63 -24.11 17.18
N GLU A 167 -12.67 -24.45 16.34
CA GLU A 167 -12.23 -23.58 15.26
C GLU A 167 -13.37 -23.27 14.31
N ALA A 168 -13.52 -21.99 13.97
CA ALA A 168 -14.54 -21.58 13.03
C ALA A 168 -13.92 -20.87 11.84
N ASP A 169 -14.54 -21.02 10.67
CA ASP A 169 -14.13 -20.26 9.49
C ASP A 169 -14.58 -18.80 9.65
N PRO A 170 -13.79 -17.87 9.11
CA PRO A 170 -14.14 -16.45 9.16
C PRO A 170 -15.42 -16.15 8.37
N VAL A 171 -16.14 -15.12 8.79
CA VAL A 171 -17.34 -14.68 8.09
C VAL A 171 -17.00 -13.53 7.15
N ARG A 172 -17.46 -13.62 5.91
CA ARG A 172 -17.22 -12.57 4.93
C ARG A 172 -18.34 -11.52 4.93
N VAL A 173 -17.93 -10.25 4.90
CA VAL A 173 -18.86 -9.11 4.87
C VAL A 173 -18.38 -8.11 3.81
N PRO A 174 -19.27 -7.24 3.32
CA PRO A 174 -18.83 -6.11 2.49
C PRO A 174 -17.82 -5.27 3.26
N GLU A 175 -16.75 -4.85 2.59
CA GLU A 175 -15.64 -4.17 3.24
C GLU A 175 -16.04 -2.91 4.04
N ARG A 176 -17.12 -2.26 3.62
CA ARG A 176 -17.60 -1.05 4.28
C ARG A 176 -18.35 -1.33 5.57
N ALA A 177 -18.57 -2.61 5.88
CA ALA A 177 -19.20 -3.00 7.14
C ALA A 177 -18.26 -2.74 8.32
N ALA A 178 -18.87 -2.51 9.48
CA ALA A 178 -18.17 -2.24 10.72
C ALA A 178 -17.26 -3.40 11.15
N CYS A 179 -16.05 -3.06 11.55
CA CYS A 179 -15.10 -4.03 12.08
C CYS A 179 -14.72 -3.69 13.52
N GLY A 180 -14.82 -2.41 13.87
CA GLY A 180 -14.43 -1.94 15.19
C GLY A 180 -14.99 -0.57 15.51
N MET A 181 -14.90 -0.18 16.77
CA MET A 181 -15.34 1.16 17.22
C MET A 181 -14.61 1.64 18.47
N ALA A 182 -14.48 2.96 18.59
CA ALA A 182 -13.83 3.59 19.74
C ALA A 182 -14.44 4.95 20.03
N TYR A 183 -14.55 5.29 21.31
CA TYR A 183 -15.10 6.58 21.73
C TYR A 183 -13.98 7.55 22.11
N THR A 184 -14.10 8.78 21.64
CA THR A 184 -13.13 9.82 21.99
C THR A 184 -13.61 10.64 23.18
N THR A 185 -12.66 10.98 24.05
CA THR A 185 -12.92 11.84 25.20
C THR A 185 -12.32 13.23 24.98
N GLY A 186 -11.77 13.46 23.80
CA GLY A 186 -11.21 14.75 23.43
C GLY A 186 -12.26 15.68 22.84
N THR A 187 -13.29 15.93 23.63
CA THR A 187 -14.47 16.67 23.17
C THR A 187 -15.24 17.14 24.41
N THR A 188 -16.06 18.18 24.24
CA THR A 188 -16.88 18.68 25.33
C THR A 188 -18.12 17.79 25.50
N GLY A 189 -18.49 17.54 26.75
CA GLY A 189 -19.66 16.73 27.05
C GLY A 189 -19.37 15.24 26.98
N LEU A 190 -20.36 14.49 26.50
CA LEU A 190 -20.29 13.03 26.44
C LEU A 190 -19.27 12.50 25.42
N PRO A 191 -18.69 11.33 25.71
CA PRO A 191 -17.82 10.65 24.73
C PRO A 191 -18.55 10.38 23.42
N LYS A 192 -17.82 10.45 22.31
CA LYS A 192 -18.42 10.28 20.99
C LYS A 192 -17.85 9.08 20.25
N GLY A 193 -18.72 8.22 19.74
CA GLY A 193 -18.33 6.98 19.10
C GLY A 193 -17.98 7.07 17.64
N VAL A 194 -16.88 6.43 17.26
CA VAL A 194 -16.42 6.36 15.87
C VAL A 194 -16.38 4.88 15.47
N VAL A 195 -17.05 4.55 14.36
CA VAL A 195 -17.12 3.16 13.89
C VAL A 195 -16.29 2.94 12.62
N TYR A 196 -15.25 2.13 12.75
CA TYR A 196 -14.34 1.83 11.64
C TYR A 196 -14.90 0.71 10.77
N SER A 197 -14.41 0.64 9.53
CA SER A 197 -14.77 -0.43 8.62
C SER A 197 -13.52 -1.22 8.20
N HIS A 198 -13.72 -2.47 7.76
CA HIS A 198 -12.63 -3.30 7.25
C HIS A 198 -11.86 -2.54 6.18
N ARG A 199 -12.61 -1.90 5.28
CA ARG A 199 -12.04 -1.11 4.18
C ARG A 199 -11.09 -0.02 4.70
N ALA A 200 -11.57 0.74 5.67
CA ALA A 200 -10.79 1.85 6.24
C ALA A 200 -9.47 1.41 6.87
N LEU A 201 -9.51 0.34 7.67
CA LEU A 201 -8.33 -0.08 8.41
C LEU A 201 -7.32 -0.86 7.55
N VAL A 202 -7.81 -1.50 6.50
CA VAL A 202 -6.93 -2.16 5.55
C VAL A 202 -6.16 -1.12 4.71
N LEU A 203 -6.89 -0.13 4.20
CA LEU A 203 -6.29 0.97 3.44
C LEU A 203 -5.29 1.76 4.29
N HIS A 204 -5.67 2.04 5.53
CA HIS A 204 -4.84 2.75 6.49
C HIS A 204 -3.54 1.98 6.74
N SER A 205 -3.65 0.67 6.92
CA SER A 205 -2.48 -0.17 7.18
C SER A 205 -1.49 -0.13 6.03
N LEU A 206 -2.01 -0.09 4.81
CA LEU A 206 -1.18 -0.05 3.60
C LEU A 206 -0.51 1.31 3.41
N ALA A 207 -1.31 2.37 3.46
CA ALA A 207 -0.83 3.71 3.16
C ALA A 207 0.12 4.29 4.22
N ALA A 208 -0.04 3.90 5.48
CA ALA A 208 0.79 4.43 6.56
C ALA A 208 2.12 3.69 6.74
N SER A 209 2.25 2.53 6.10
CA SER A 209 3.41 1.64 6.28
C SER A 209 4.46 1.74 5.18
N LEU A 210 4.30 2.70 4.28
CA LEU A 210 5.25 2.90 3.18
C LEU A 210 6.59 3.44 3.72
N VAL A 211 7.62 3.46 2.87
CA VAL A 211 8.97 3.88 3.27
C VAL A 211 8.99 5.27 3.93
N ASP A 212 8.21 6.20 3.38
CA ASP A 212 8.11 7.55 3.94
C ASP A 212 7.20 7.63 5.16
N GLY A 213 6.61 6.49 5.55
CA GLY A 213 5.82 6.38 6.76
C GLY A 213 6.55 5.55 7.81
N THR A 214 5.90 4.50 8.31
CA THR A 214 6.50 3.61 9.31
C THR A 214 7.50 2.61 8.71
N ALA A 215 7.42 2.43 7.39
CA ALA A 215 8.34 1.54 6.66
C ALA A 215 8.42 0.13 7.25
N LEU A 216 7.26 -0.44 7.56
CA LEU A 216 7.21 -1.76 8.19
C LEU A 216 7.61 -2.86 7.22
N SER A 217 8.47 -3.75 7.71
CA SER A 217 9.03 -4.86 6.93
C SER A 217 8.86 -6.16 7.72
N GLU A 218 8.97 -7.29 7.03
CA GLU A 218 8.98 -8.61 7.66
C GLU A 218 10.12 -8.70 8.68
N LYS A 219 11.26 -8.13 8.34
CA LYS A 219 12.46 -8.20 9.20
C LYS A 219 12.37 -7.33 10.45
N ASP A 220 11.37 -6.44 10.51
CA ASP A 220 11.21 -5.55 11.66
C ASP A 220 10.75 -6.31 12.89
N VAL A 221 11.11 -5.78 14.06
CA VAL A 221 10.55 -6.22 15.33
C VAL A 221 9.83 -5.00 15.91
N VAL A 222 8.51 -5.12 16.04
CA VAL A 222 7.65 -3.98 16.34
C VAL A 222 7.15 -4.01 17.78
N LEU A 223 7.34 -2.90 18.49
CA LEU A 223 6.87 -2.76 19.85
C LEU A 223 5.95 -1.54 19.96
N PRO A 224 4.63 -1.78 19.96
CA PRO A 224 3.67 -0.69 20.21
C PRO A 224 3.55 -0.34 21.69
N VAL A 225 4.03 0.84 22.07
CA VAL A 225 3.89 1.35 23.43
C VAL A 225 2.52 2.04 23.54
N VAL A 226 2.06 2.60 22.43
CA VAL A 226 0.70 3.10 22.33
C VAL A 226 -0.28 1.97 22.68
N PRO A 227 -1.20 2.23 23.60
CA PRO A 227 -2.16 1.22 24.06
C PRO A 227 -3.10 0.75 22.96
N MET A 228 -3.43 -0.55 23.00
CA MET A 228 -4.36 -1.14 22.05
C MET A 228 -5.79 -0.61 22.22
N PHE A 229 -5.97 0.33 23.15
CA PHE A 229 -7.23 1.08 23.29
C PHE A 229 -7.11 2.54 22.81
N HIS A 230 -5.96 2.89 22.25
CA HIS A 230 -5.82 4.18 21.59
C HIS A 230 -5.82 4.00 20.07
N VAL A 231 -6.99 4.21 19.46
CA VAL A 231 -7.21 3.99 18.02
C VAL A 231 -6.57 2.71 17.53
N ASN A 232 -6.86 1.60 18.22
CA ASN A 232 -6.29 0.29 17.91
C ASN A 232 -4.78 0.29 17.86
N ALA A 233 -4.16 0.92 18.86
CA ALA A 233 -2.71 1.10 18.92
C ALA A 233 -2.18 1.69 17.62
N TRP A 234 -2.86 2.73 17.14
CA TRP A 234 -2.53 3.42 15.90
C TRP A 234 -2.46 2.47 14.71
N CYS A 235 -3.27 1.42 14.76
CA CYS A 235 -3.37 0.40 13.70
C CYS A 235 -2.09 -0.43 13.53
N LEU A 236 -1.15 -0.30 14.45
CA LEU A 236 0.14 -0.98 14.35
C LEU A 236 0.09 -2.52 14.41
N PRO A 237 -0.71 -3.09 15.32
CA PRO A 237 -0.85 -4.55 15.37
C PRO A 237 -1.39 -5.15 14.07
N TYR A 238 -2.20 -4.40 13.34
CA TYR A 238 -2.71 -4.85 12.04
C TYR A 238 -1.63 -4.77 10.97
N ALA A 239 -0.91 -3.64 10.94
CA ALA A 239 0.12 -3.39 9.93
C ALA A 239 1.33 -4.30 10.12
N ALA A 240 1.69 -4.57 11.38
CA ALA A 240 2.79 -5.48 11.68
C ALA A 240 2.46 -6.91 11.24
N THR A 241 1.20 -7.31 11.40
CA THR A 241 0.74 -8.63 10.98
C THR A 241 0.75 -8.75 9.46
N LEU A 242 0.34 -7.67 8.80
CA LEU A 242 0.29 -7.60 7.33
C LEU A 242 1.65 -7.88 6.68
N VAL A 243 2.71 -7.37 7.30
CA VAL A 243 4.06 -7.56 6.74
C VAL A 243 4.75 -8.81 7.30
N GLY A 244 4.23 -9.32 8.42
CA GLY A 244 4.79 -10.49 9.06
C GLY A 244 5.93 -10.19 10.01
N ALA A 245 5.91 -8.98 10.58
CA ALA A 245 6.94 -8.56 11.52
C ALA A 245 6.76 -9.25 12.87
N LYS A 246 7.86 -9.45 13.59
CA LYS A 246 7.78 -9.94 14.97
C LYS A 246 7.17 -8.84 15.81
N GLN A 247 6.27 -9.21 16.71
CA GLN A 247 5.61 -8.25 17.57
C GLN A 247 5.99 -8.47 19.03
N VAL A 248 6.31 -7.38 19.72
CA VAL A 248 6.56 -7.40 21.15
C VAL A 248 5.54 -6.50 21.81
N LEU A 249 4.71 -7.11 22.66
CA LEU A 249 3.63 -6.39 23.31
C LEU A 249 3.94 -6.23 24.80
N PRO A 250 4.22 -4.99 25.22
CA PRO A 250 4.82 -4.70 26.52
C PRO A 250 3.90 -4.84 27.73
N GLY A 251 2.58 -4.87 27.51
CA GLY A 251 1.63 -4.90 28.62
C GLY A 251 1.55 -3.56 29.34
N PRO A 252 1.02 -3.56 30.57
CA PRO A 252 0.85 -2.32 31.34
C PRO A 252 2.15 -1.66 31.84
N ARG A 253 3.23 -2.43 31.95
CA ARG A 253 4.51 -1.89 32.43
C ARG A 253 5.24 -1.08 31.35
N LEU A 254 5.17 0.24 31.45
CA LEU A 254 5.82 1.12 30.49
C LEU A 254 6.95 1.95 31.10
N ASP A 255 7.46 1.51 32.26
CA ASP A 255 8.62 2.13 32.88
C ASP A 255 9.87 1.87 32.03
N PRO A 256 10.81 2.81 32.00
CA PRO A 256 11.99 2.72 31.13
C PRO A 256 12.77 1.40 31.22
N ALA A 257 13.02 0.92 32.44
CA ALA A 257 13.79 -0.32 32.63
C ALA A 257 13.09 -1.55 32.04
N SER A 258 11.77 -1.60 32.18
CA SER A 258 10.98 -2.68 31.58
C SER A 258 11.03 -2.64 30.05
N LEU A 259 10.96 -1.45 29.48
CA LEU A 259 10.99 -1.27 28.03
C LEU A 259 12.36 -1.61 27.45
N VAL A 260 13.42 -1.12 28.09
CA VAL A 260 14.80 -1.39 27.70
C VAL A 260 15.08 -2.90 27.68
N GLU A 261 14.60 -3.60 28.70
CA GLU A 261 14.71 -5.05 28.78
C GLU A 261 14.13 -5.72 27.53
N LEU A 262 12.95 -5.26 27.11
CA LEU A 262 12.30 -5.78 25.91
C LEU A 262 12.97 -5.30 24.63
N PHE A 263 13.42 -4.05 24.61
CA PHE A 263 14.11 -3.48 23.44
C PHE A 263 15.34 -4.30 23.06
N ASP A 264 16.19 -4.59 24.05
CA ASP A 264 17.43 -5.33 23.82
C ASP A 264 17.21 -6.84 23.75
N GLY A 265 16.40 -7.36 24.67
CA GLY A 265 16.15 -8.80 24.77
C GLY A 265 15.47 -9.42 23.57
N GLU A 266 14.62 -8.64 22.90
CA GLU A 266 13.84 -9.15 21.78
C GLU A 266 14.30 -8.59 20.43
N GLY A 267 15.28 -7.68 20.46
CA GLY A 267 15.83 -7.09 19.26
C GLY A 267 14.89 -6.14 18.54
N VAL A 268 14.19 -5.30 19.30
CA VAL A 268 13.23 -4.35 18.73
C VAL A 268 13.90 -3.33 17.79
N THR A 269 13.33 -3.16 16.60
CA THR A 269 13.84 -2.21 15.62
C THR A 269 12.93 -0.99 15.45
N PHE A 270 11.64 -1.19 15.71
CA PHE A 270 10.65 -0.15 15.52
C PHE A 270 9.72 -0.05 16.71
N THR A 271 9.45 1.17 17.15
CA THR A 271 8.52 1.42 18.25
C THR A 271 7.71 2.71 18.09
N ALA A 272 6.60 2.80 18.82
CA ALA A 272 5.71 3.97 18.73
C ALA A 272 4.95 4.20 20.02
N GLY A 273 4.90 5.46 20.44
CA GLY A 273 4.23 5.84 21.67
C GLY A 273 4.10 7.34 21.85
N VAL A 274 3.47 7.75 22.94
CA VAL A 274 3.26 9.16 23.26
C VAL A 274 4.53 9.80 23.83
N PRO A 275 4.66 11.12 23.71
CA PRO A 275 5.87 11.84 24.15
C PRO A 275 6.29 11.56 25.60
N THR A 276 5.32 11.47 26.52
CA THR A 276 5.61 11.25 27.95
C THR A 276 6.44 10.00 28.21
N VAL A 277 6.12 8.92 27.52
CA VAL A 277 6.85 7.66 27.67
C VAL A 277 8.29 7.78 27.14
N TRP A 278 8.45 8.49 26.03
CA TRP A 278 9.75 8.65 25.39
C TRP A 278 10.68 9.61 26.14
N LEU A 279 10.09 10.60 26.82
CA LEU A 279 10.86 11.53 27.65
C LEU A 279 11.43 10.80 28.86
N ALA A 280 10.61 9.95 29.48
CA ALA A 280 11.06 9.09 30.57
C ALA A 280 12.11 8.08 30.12
N LEU A 281 11.95 7.55 28.90
CA LEU A 281 12.93 6.61 28.36
C LEU A 281 14.28 7.28 28.09
N ALA A 282 14.24 8.45 27.48
CA ALA A 282 15.44 9.22 27.18
C ALA A 282 16.18 9.64 28.44
N ASP A 283 15.43 10.06 29.46
CA ASP A 283 15.99 10.40 30.78
C ASP A 283 16.83 9.24 31.32
N TYR A 284 16.25 8.04 31.25
CA TYR A 284 16.89 6.82 31.72
C TYR A 284 18.14 6.43 30.91
N LEU A 285 18.06 6.53 29.59
CA LEU A 285 19.18 6.15 28.73
C LEU A 285 20.37 7.09 28.92
N GLU A 286 20.08 8.37 29.11
CA GLU A 286 21.11 9.39 29.29
C GLU A 286 21.79 9.28 30.66
N SER A 287 21.00 8.92 31.68
CA SER A 287 21.52 8.78 33.05
C SER A 287 22.37 7.52 33.27
N THR A 288 22.05 6.45 32.55
CA THR A 288 22.78 5.19 32.69
C THR A 288 23.86 5.03 31.63
N GLY A 289 23.86 5.91 30.64
CA GLY A 289 24.78 5.83 29.51
C GLY A 289 24.52 4.63 28.63
N HIS A 290 23.32 4.06 28.76
CA HIS A 290 22.91 2.89 27.99
C HIS A 290 22.41 3.30 26.61
N ARG A 291 22.95 2.67 25.58
CA ARG A 291 22.46 2.89 24.23
C ARG A 291 21.81 1.62 23.70
N LEU A 292 20.61 1.76 23.14
CA LEU A 292 19.84 0.61 22.68
C LEU A 292 20.53 -0.08 21.52
N LYS A 293 20.63 -1.41 21.61
CA LYS A 293 21.46 -2.14 20.66
C LYS A 293 20.82 -2.47 19.30
N THR A 294 19.49 -2.40 19.19
CA THR A 294 18.82 -2.67 17.91
C THR A 294 17.83 -1.59 17.44
N LEU A 295 17.36 -0.76 18.36
CA LEU A 295 16.35 0.25 18.03
C LEU A 295 16.85 1.30 17.04
N ARG A 296 16.17 1.41 15.91
CA ARG A 296 16.55 2.34 14.86
C ARG A 296 15.50 3.45 14.66
N ARG A 297 14.23 3.06 14.74
CA ARG A 297 13.13 3.97 14.40
C ARG A 297 12.15 4.11 15.56
N LEU A 298 11.69 5.33 15.77
CA LEU A 298 10.72 5.62 16.80
C LEU A 298 9.72 6.63 16.25
N VAL A 299 8.43 6.34 16.39
CA VAL A 299 7.43 7.35 16.08
C VAL A 299 6.76 7.88 17.34
N VAL A 300 6.44 9.16 17.32
CA VAL A 300 5.79 9.82 18.44
C VAL A 300 4.50 10.48 17.98
N GLY A 301 3.41 10.22 18.71
CA GLY A 301 2.11 10.78 18.39
C GLY A 301 1.23 11.00 19.60
N GLY A 302 -0.01 11.43 19.37
CA GLY A 302 -0.94 11.73 20.45
C GLY A 302 -0.86 13.17 20.92
N SER A 303 0.37 13.67 21.03
CA SER A 303 0.65 15.06 21.35
C SER A 303 1.89 15.50 20.59
N ALA A 304 2.12 16.81 20.54
CA ALA A 304 3.28 17.37 19.86
C ALA A 304 4.57 16.98 20.57
N ALA A 305 5.50 16.42 19.79
CA ALA A 305 6.84 16.10 20.29
C ALA A 305 7.68 17.37 20.40
N PRO A 306 8.19 17.65 21.60
CA PRO A 306 9.13 18.77 21.80
C PRO A 306 10.33 18.63 20.90
N ARG A 307 10.86 19.75 20.43
CA ARG A 307 12.08 19.78 19.63
C ARG A 307 13.22 19.04 20.32
N SER A 308 13.31 19.21 21.65
CA SER A 308 14.32 18.55 22.46
C SER A 308 14.21 17.02 22.43
N LEU A 309 12.98 16.50 22.47
CA LEU A 309 12.73 15.06 22.45
C LEU A 309 13.31 14.42 21.18
N ILE A 310 13.15 15.11 20.05
CA ILE A 310 13.69 14.64 18.78
C ILE A 310 15.21 14.72 18.78
N ALA A 311 15.76 15.83 19.28
CA ALA A 311 17.20 16.00 19.35
C ALA A 311 17.88 14.97 20.28
N ARG A 312 17.21 14.61 21.38
CA ARG A 312 17.74 13.63 22.34
C ARG A 312 18.04 12.30 21.67
N PHE A 313 17.05 11.78 20.94
CA PHE A 313 17.11 10.43 20.39
C PHE A 313 17.97 10.38 19.14
N GLU A 314 17.93 11.43 18.33
CA GLU A 314 18.76 11.54 17.13
C GLU A 314 20.24 11.56 17.50
N ARG A 315 20.53 12.13 18.67
CA ARG A 315 21.88 12.14 19.24
C ARG A 315 22.31 10.73 19.65
N MET A 316 21.35 9.90 20.07
CA MET A 316 21.63 8.53 20.49
C MET A 316 21.52 7.52 19.35
N GLY A 317 21.30 8.02 18.13
CA GLY A 317 21.24 7.19 16.93
C GLY A 317 19.86 6.65 16.61
N VAL A 318 18.82 7.29 17.14
CA VAL A 318 17.44 6.87 16.91
C VAL A 318 16.69 7.89 16.04
N GLU A 319 16.20 7.44 14.90
CA GLU A 319 15.40 8.28 13.99
C GLU A 319 13.99 8.50 14.55
N VAL A 320 13.61 9.76 14.72
CA VAL A 320 12.30 10.13 15.26
C VAL A 320 11.39 10.74 14.20
N ARG A 321 10.22 10.11 14.00
CA ARG A 321 9.26 10.57 13.01
C ARG A 321 7.92 10.83 13.67
N GLN A 322 7.47 12.08 13.60
CA GLN A 322 6.23 12.46 14.21
C GLN A 322 5.04 11.95 13.40
N GLY A 323 4.00 11.50 14.12
CA GLY A 323 2.75 11.09 13.52
C GLY A 323 1.58 11.84 14.13
N TYR A 324 0.55 12.10 13.33
CA TYR A 324 -0.60 12.86 13.80
C TYR A 324 -1.92 12.26 13.32
N GLY A 325 -2.88 12.19 14.23
CA GLY A 325 -4.22 11.73 13.90
C GLY A 325 -5.17 11.79 15.07
N LEU A 326 -6.38 11.30 14.85
CA LEU A 326 -7.46 11.31 15.82
C LEU A 326 -8.17 9.96 15.86
N THR A 327 -8.95 9.72 16.92
CA THR A 327 -9.84 8.57 16.99
C THR A 327 -10.71 8.52 15.74
N GLU A 328 -11.10 9.71 15.31
CA GLU A 328 -11.96 9.91 14.14
C GLU A 328 -11.28 9.60 12.81
N THR A 329 -9.95 9.48 12.81
CA THR A 329 -9.22 9.31 11.54
C THR A 329 -8.36 8.04 11.45
N SER A 330 -8.53 7.12 12.39
CA SER A 330 -8.07 5.73 12.25
C SER A 330 -6.65 5.26 12.63
N PRO A 331 -5.70 6.10 13.10
CA PRO A 331 -5.79 7.55 13.22
C PRO A 331 -4.96 8.36 12.21
N VAL A 332 -3.98 7.75 11.56
CA VAL A 332 -2.93 8.49 10.86
C VAL A 332 -3.39 9.25 9.63
N VAL A 333 -3.15 10.56 9.63
CA VAL A 333 -3.36 11.38 8.44
C VAL A 333 -2.10 12.19 8.07
N VAL A 334 -1.21 12.37 9.04
CA VAL A 334 0.04 13.13 8.85
C VAL A 334 1.24 12.38 9.44
N GLN A 335 2.29 12.27 8.63
CA GLN A 335 3.56 11.67 9.07
C GLN A 335 4.72 12.55 8.64
N ASN A 336 5.71 12.68 9.54
CA ASN A 336 6.89 13.48 9.26
C ASN A 336 8.05 12.67 8.68
N PHE A 337 8.55 13.15 7.55
CA PHE A 337 9.83 12.68 6.99
C PHE A 337 10.51 13.87 6.31
N VAL A 338 11.83 13.80 6.18
CA VAL A 338 12.60 14.87 5.54
C VAL A 338 12.63 14.67 4.03
N LYS A 339 12.11 15.65 3.30
CA LYS A 339 12.13 15.63 1.84
C LYS A 339 13.55 15.56 1.32
N SER A 340 13.74 14.86 0.20
CA SER A 340 15.06 14.61 -0.36
C SER A 340 15.86 15.89 -0.59
N HIS A 341 15.23 16.92 -1.15
CA HIS A 341 15.90 18.17 -1.46
C HIS A 341 16.15 19.04 -0.21
N LEU A 342 15.61 18.63 0.93
CA LEU A 342 15.79 19.36 2.18
C LEU A 342 16.83 18.70 3.10
N GLU A 343 17.51 17.66 2.60
CA GLU A 343 18.57 17.00 3.35
C GLU A 343 19.82 17.88 3.46
N SER A 344 19.92 18.86 2.55
CA SER A 344 21.05 19.79 2.53
C SER A 344 20.93 20.90 3.57
N LEU A 345 19.78 21.00 4.24
CA LEU A 345 19.58 21.98 5.30
C LEU A 345 20.55 21.75 6.46
N SER A 346 20.87 22.82 7.18
CA SER A 346 21.74 22.72 8.37
C SER A 346 21.07 21.89 9.45
N GLU A 347 21.87 21.37 10.39
CA GLU A 347 21.37 20.52 11.46
C GLU A 347 20.27 21.19 12.30
N GLU A 348 20.40 22.48 12.52
CA GLU A 348 19.39 23.26 13.23
C GLU A 348 18.09 23.38 12.43
N GLU A 349 18.21 23.63 11.13
CA GLU A 349 17.04 23.75 10.26
C GLU A 349 16.31 22.42 10.10
N LYS A 350 17.08 21.34 10.04
CA LYS A 350 16.55 19.99 9.89
C LYS A 350 15.79 19.54 11.14
N LEU A 351 16.33 19.90 12.29
CA LEU A 351 15.70 19.61 13.58
C LEU A 351 14.36 20.34 13.69
N THR A 352 14.32 21.58 13.22
CA THR A 352 13.09 22.38 13.16
C THR A 352 12.04 21.72 12.26
N LEU A 353 12.50 21.20 11.12
CA LEU A 353 11.63 20.50 10.19
C LEU A 353 11.07 19.20 10.78
N LYS A 354 11.93 18.43 11.44
CA LYS A 354 11.52 17.19 12.10
C LYS A 354 10.55 17.45 13.25
N ALA A 355 10.67 18.62 13.87
CA ALA A 355 9.80 19.03 14.96
C ALA A 355 8.42 19.49 14.48
N LYS A 356 8.29 19.71 13.17
CA LYS A 356 6.98 20.00 12.58
C LYS A 356 6.12 18.72 12.59
N THR A 357 4.80 18.91 12.55
CA THR A 357 3.87 17.79 12.58
C THR A 357 4.11 16.81 11.42
N GLY A 358 4.24 17.35 10.21
CA GLY A 358 4.62 16.54 9.05
C GLY A 358 3.81 16.76 7.79
N LEU A 359 3.91 15.78 6.89
CA LEU A 359 3.26 15.86 5.58
C LEU A 359 2.03 14.95 5.55
N PRO A 360 0.96 15.41 4.89
CA PRO A 360 -0.26 14.59 4.75
C PRO A 360 0.05 13.33 3.96
N ILE A 361 -0.44 12.19 4.43
CA ILE A 361 -0.09 10.89 3.84
C ILE A 361 -0.99 10.53 2.65
N PRO A 362 -0.61 9.52 1.85
CA PRO A 362 -1.44 9.06 0.72
C PRO A 362 -2.89 8.74 1.11
N LEU A 363 -3.81 8.97 0.17
CA LEU A 363 -5.26 8.74 0.34
C LEU A 363 -5.95 9.67 1.36
N VAL A 364 -5.29 10.78 1.69
CA VAL A 364 -5.83 11.77 2.60
C VAL A 364 -5.86 13.12 1.88
N ARG A 365 -7.00 13.79 1.93
CA ARG A 365 -7.10 15.17 1.45
C ARG A 365 -7.12 16.08 2.68
N LEU A 366 -6.03 16.79 2.89
CA LEU A 366 -5.88 17.69 4.04
C LEU A 366 -5.87 19.14 3.58
N ARG A 367 -6.57 19.99 4.33
CA ARG A 367 -6.44 21.43 4.14
C ARG A 367 -6.40 22.14 5.48
N VAL A 368 -5.79 23.32 5.51
CA VAL A 368 -5.83 24.20 6.67
C VAL A 368 -6.67 25.41 6.25
N ALA A 369 -7.87 25.53 6.82
CA ALA A 369 -8.87 26.46 6.30
C ALA A 369 -9.56 27.30 7.38
N ASP A 370 -10.25 28.36 6.93
CA ASP A 370 -10.97 29.26 7.82
C ASP A 370 -12.39 28.80 8.12
N GLU A 371 -13.22 29.73 8.61
CA GLU A 371 -14.59 29.46 9.02
C GLU A 371 -15.49 29.04 7.85
N GLU A 372 -15.25 29.61 6.68
CA GLU A 372 -16.08 29.28 5.51
C GLU A 372 -15.45 28.24 4.57
N GLY A 373 -14.47 27.50 5.11
CA GLY A 373 -13.80 26.44 4.37
C GLY A 373 -12.73 26.87 3.38
N ARG A 374 -12.38 28.16 3.39
CA ARG A 374 -11.36 28.67 2.48
C ARG A 374 -9.96 28.39 3.03
N PRO A 375 -9.10 27.76 2.23
CA PRO A 375 -7.71 27.51 2.62
C PRO A 375 -6.99 28.80 3.01
N VAL A 376 -6.20 28.74 4.08
CA VAL A 376 -5.37 29.87 4.50
C VAL A 376 -4.07 29.82 3.71
N PRO A 377 -3.38 30.96 3.55
CA PRO A 377 -2.11 31.01 2.81
C PRO A 377 -1.06 30.04 3.33
N LYS A 378 -0.29 29.47 2.40
CA LYS A 378 0.76 28.51 2.74
C LYS A 378 2.06 29.24 3.06
N ASP A 379 2.03 30.07 4.09
CA ASP A 379 3.20 30.87 4.48
C ASP A 379 3.81 30.45 5.81
N GLY A 380 3.26 29.40 6.42
CA GLY A 380 3.71 28.93 7.72
C GLY A 380 3.39 29.90 8.84
N LYS A 381 2.44 30.79 8.60
CA LYS A 381 2.10 31.86 9.55
C LYS A 381 0.59 31.97 9.79
N ALA A 382 -0.18 31.97 8.71
CA ALA A 382 -1.64 32.07 8.80
C ALA A 382 -2.24 30.86 9.52
N LEU A 383 -3.16 31.12 10.43
CA LEU A 383 -3.79 30.08 11.25
C LEU A 383 -5.16 29.68 10.72
N GLY A 384 -5.42 28.38 10.69
CA GLY A 384 -6.69 27.83 10.28
C GLY A 384 -6.93 26.46 10.90
N GLU A 385 -8.08 25.88 10.62
CA GLU A 385 -8.42 24.55 11.15
C GLU A 385 -8.04 23.45 10.17
N VAL A 386 -7.42 22.39 10.68
CA VAL A 386 -7.11 21.21 9.88
C VAL A 386 -8.43 20.51 9.50
N GLN A 387 -8.64 20.33 8.19
CA GLN A 387 -9.86 19.69 7.70
C GLN A 387 -9.52 18.56 6.75
N LEU A 388 -10.22 17.43 6.90
CA LEU A 388 -9.81 16.19 6.26
C LEU A 388 -10.93 15.48 5.50
N LYS A 389 -10.52 14.76 4.45
CA LYS A 389 -11.41 13.92 3.69
C LYS A 389 -10.65 12.69 3.19
N GLY A 390 -11.28 11.53 3.27
CA GLY A 390 -10.66 10.28 2.86
C GLY A 390 -11.42 9.04 3.32
N PRO A 391 -11.05 7.87 2.80
CA PRO A 391 -11.76 6.62 3.11
C PRO A 391 -11.61 6.08 4.54
N TRP A 392 -10.65 6.58 5.32
CA TRP A 392 -10.56 6.18 6.74
C TRP A 392 -10.78 7.34 7.70
N ILE A 393 -11.42 8.39 7.18
CA ILE A 393 -11.79 9.54 8.00
C ILE A 393 -13.29 9.50 8.24
N THR A 394 -13.69 9.67 9.50
CA THR A 394 -15.09 9.59 9.87
C THR A 394 -15.91 10.71 9.22
N GLY A 395 -17.14 10.38 8.87
CA GLY A 395 -18.07 11.36 8.32
C GLY A 395 -19.12 11.76 9.34
N GLY A 396 -18.97 11.27 10.57
CA GLY A 396 -19.89 11.56 11.64
C GLY A 396 -19.66 10.66 12.85
N TYR A 397 -20.60 10.69 13.78
CA TYR A 397 -20.49 9.89 14.99
C TYR A 397 -21.64 8.91 15.13
N TYR A 398 -21.46 7.91 15.98
CA TYR A 398 -22.51 6.93 16.23
C TYR A 398 -23.50 7.41 17.30
N GLY A 399 -24.78 7.41 16.94
CA GLY A 399 -25.86 7.74 17.87
C GLY A 399 -25.75 9.10 18.53
N ASN A 400 -25.42 10.11 17.73
CA ASN A 400 -25.32 11.49 18.21
C ASN A 400 -25.45 12.46 17.04
N GLU A 401 -26.69 12.90 16.81
CA GLU A 401 -27.03 13.75 15.66
C GLU A 401 -26.39 15.13 15.72
N GLU A 402 -26.32 15.72 16.92
CA GLU A 402 -25.78 17.07 17.07
C GLU A 402 -24.27 17.11 16.86
N ALA A 403 -23.58 16.05 17.28
CA ALA A 403 -22.14 15.92 17.06
C ALA A 403 -21.84 15.68 15.58
N THR A 404 -22.71 14.92 14.93
CA THR A 404 -22.56 14.58 13.51
C THR A 404 -22.66 15.81 12.60
N ARG A 405 -23.68 16.64 12.81
CA ARG A 405 -23.90 17.80 11.95
C ARG A 405 -22.90 18.93 12.19
N SER A 406 -22.28 18.95 13.37
CA SER A 406 -21.26 19.93 13.67
C SER A 406 -19.83 19.42 13.34
N ALA A 407 -19.75 18.16 12.90
CA ALA A 407 -18.47 17.52 12.57
C ALA A 407 -17.93 17.93 11.20
N LEU A 408 -18.83 18.16 10.24
CA LEU A 408 -18.44 18.39 8.87
C LEU A 408 -18.64 19.83 8.41
N THR A 409 -17.85 20.24 7.43
CA THR A 409 -18.05 21.51 6.74
C THR A 409 -19.14 21.33 5.67
N PRO A 410 -19.68 22.42 5.12
CA PRO A 410 -20.63 22.33 4.01
C PRO A 410 -20.15 21.50 2.82
N ASP A 411 -18.86 21.56 2.51
CA ASP A 411 -18.31 20.76 1.41
C ASP A 411 -17.77 19.40 1.87
N GLY A 412 -18.21 18.95 3.04
CA GLY A 412 -18.01 17.59 3.49
C GLY A 412 -16.67 17.19 4.09
N PHE A 413 -15.88 18.18 4.54
CA PHE A 413 -14.61 17.91 5.19
C PHE A 413 -14.82 17.77 6.70
N PHE A 414 -14.13 16.81 7.31
CA PHE A 414 -14.19 16.62 8.76
C PHE A 414 -13.37 17.69 9.49
N ARG A 415 -13.97 18.27 10.53
CA ARG A 415 -13.35 19.33 11.32
C ARG A 415 -12.66 18.76 12.55
N THR A 416 -11.32 18.81 12.56
CA THR A 416 -10.53 18.20 13.63
C THR A 416 -10.63 18.96 14.96
N GLY A 417 -10.82 20.28 14.87
CA GLY A 417 -10.75 21.13 16.04
C GLY A 417 -9.34 21.60 16.36
N ASP A 418 -8.39 21.26 15.48
CA ASP A 418 -6.99 21.66 15.66
C ASP A 418 -6.63 22.85 14.79
N ILE A 419 -5.98 23.84 15.39
CA ILE A 419 -5.48 25.01 14.69
C ILE A 419 -4.04 24.78 14.27
N ALA A 420 -3.71 25.14 13.02
CA ALA A 420 -2.39 24.85 12.49
C ALA A 420 -1.92 25.86 11.45
N VAL A 421 -0.64 25.79 11.11
CA VAL A 421 -0.10 26.48 9.96
C VAL A 421 0.42 25.44 8.96
N TRP A 422 0.55 25.85 7.71
CA TRP A 422 1.19 25.03 6.68
C TRP A 422 2.04 25.90 5.76
N ASP A 423 3.07 25.31 5.17
CA ASP A 423 4.00 26.06 4.33
C ASP A 423 3.98 25.59 2.88
N GLU A 424 4.88 26.17 2.07
CA GLU A 424 4.95 25.91 0.64
C GLU A 424 5.40 24.49 0.35
N GLU A 425 6.15 23.89 1.26
CA GLU A 425 6.64 22.53 1.10
C GLU A 425 5.58 21.49 1.49
N GLY A 426 4.48 21.96 2.08
CA GLY A 426 3.38 21.09 2.42
C GLY A 426 3.38 20.60 3.86
N TYR A 427 4.34 21.08 4.65
CA TYR A 427 4.46 20.69 6.05
C TYR A 427 3.40 21.34 6.91
N VAL A 428 2.80 20.54 7.79
CA VAL A 428 1.78 21.02 8.71
C VAL A 428 2.38 21.18 10.11
N GLU A 429 1.93 22.20 10.84
CA GLU A 429 2.36 22.41 12.23
C GLU A 429 1.16 22.69 13.11
N ILE A 430 0.80 21.72 13.95
CA ILE A 430 -0.25 21.93 14.93
C ILE A 430 0.24 22.98 15.94
N LYS A 431 -0.49 24.08 16.04
CA LYS A 431 -0.08 25.19 16.91
C LYS A 431 -1.01 25.37 18.09
N ASP A 432 -2.30 25.09 17.87
CA ASP A 432 -3.32 25.28 18.90
C ASP A 432 -4.52 24.33 18.75
N ARG A 433 -5.52 24.55 19.60
CA ARG A 433 -6.73 23.74 19.62
C ARG A 433 -7.95 24.66 19.80
N LEU A 434 -8.97 24.45 18.96
CA LEU A 434 -10.25 25.15 19.11
C LEU A 434 -10.96 24.66 20.36
N LYS A 435 -10.84 23.35 20.58
CA LYS A 435 -11.50 22.67 21.69
C LYS A 435 -10.82 23.00 23.01
N ASP A 436 -11.63 23.39 23.98
CA ASP A 436 -11.13 23.78 25.29
C ASP A 436 -10.89 22.55 26.18
N LEU A 437 -9.76 21.88 25.95
CA LEU A 437 -9.43 20.65 26.66
C LEU A 437 -7.96 20.60 27.08
N ILE A 438 -7.67 19.73 28.05
CA ILE A 438 -6.30 19.49 28.51
C ILE A 438 -5.90 18.06 28.17
N LYS A 439 -4.73 17.89 27.56
CA LYS A 439 -4.20 16.55 27.31
C LYS A 439 -2.94 16.32 28.14
N SER A 440 -3.06 15.42 29.10
CA SER A 440 -1.98 15.11 30.05
C SER A 440 -1.56 13.65 29.93
N GLY A 441 -0.32 13.42 29.49
CA GLY A 441 0.22 12.08 29.30
C GLY A 441 -0.55 11.23 28.29
N GLY A 442 -1.14 11.88 27.28
CA GLY A 442 -1.94 11.19 26.29
C GLY A 442 -3.37 10.89 26.70
N GLU A 443 -3.85 11.51 27.78
CA GLU A 443 -5.23 11.36 28.22
C GLU A 443 -5.91 12.72 28.41
N TRP A 444 -7.20 12.78 28.13
CA TRP A 444 -7.95 14.05 28.11
C TRP A 444 -8.56 14.42 29.46
N ILE A 445 -8.57 15.73 29.74
CA ILE A 445 -9.27 16.30 30.88
C ILE A 445 -10.13 17.44 30.35
N SER A 446 -11.39 17.49 30.79
CA SER A 446 -12.28 18.60 30.43
C SER A 446 -12.13 19.75 31.42
N SER A 447 -11.80 20.93 30.90
CA SER A 447 -11.65 22.13 31.72
C SER A 447 -12.98 22.49 32.38
N VAL A 448 -14.05 22.38 31.62
CA VAL A 448 -15.39 22.76 32.06
C VAL A 448 -15.90 21.93 33.25
N ASP A 449 -15.72 20.61 33.17
CA ASP A 449 -16.20 19.70 34.20
C ASP A 449 -15.53 19.94 35.55
N LEU A 450 -14.26 20.32 35.53
CA LEU A 450 -13.52 20.70 36.74
C LEU A 450 -13.94 22.06 37.26
N GLU A 451 -14.34 22.95 36.34
CA GLU A 451 -14.79 24.30 36.68
C GLU A 451 -16.11 24.26 37.46
N ASN A 452 -17.18 23.85 36.78
CA ASN A 452 -18.49 23.72 37.39
C ASN A 452 -18.54 22.50 38.32
N ALA A 453 -17.81 22.61 39.44
CA ALA A 453 -17.74 21.56 40.45
C ALA A 453 -17.12 22.10 41.75
N ALA A 464 -12.35 29.10 36.42
CA ALA A 464 -11.60 28.96 35.17
C ALA A 464 -10.45 27.95 35.32
N VAL A 465 -10.39 27.00 34.38
CA VAL A 465 -9.33 26.01 34.32
C VAL A 465 -8.65 26.07 32.95
N VAL A 466 -7.35 26.35 32.95
CA VAL A 466 -6.58 26.42 31.70
C VAL A 466 -5.49 25.37 31.62
N ALA A 467 -5.12 25.02 30.38
CA ALA A 467 -4.04 24.08 30.12
C ALA A 467 -2.70 24.81 30.12
N ILE A 468 -1.81 24.41 31.03
CA ILE A 468 -0.49 25.01 31.15
C ILE A 468 0.59 24.01 30.73
N PRO A 469 1.46 24.41 29.81
CA PRO A 469 2.59 23.58 29.36
C PRO A 469 3.40 22.96 30.49
N HIS A 470 3.74 21.69 30.34
CA HIS A 470 4.49 20.95 31.35
C HIS A 470 5.63 20.15 30.69
N PRO A 471 6.80 20.14 31.35
CA PRO A 471 7.96 19.37 30.86
C PRO A 471 7.71 17.88 30.62
N LYS A 472 7.26 17.20 31.67
CA LYS A 472 7.08 15.75 31.67
C LYS A 472 5.84 15.29 30.90
N TRP A 473 4.66 15.64 31.39
CA TRP A 473 3.41 15.45 30.65
C TRP A 473 3.43 16.52 29.59
N GLN A 474 2.33 17.03 29.08
CA GLN A 474 2.60 18.14 28.14
C GLN A 474 1.71 19.36 28.36
N GLU A 475 0.68 19.13 29.16
CA GLU A 475 -0.24 20.14 29.63
C GLU A 475 -0.70 19.67 31.00
N ARG A 476 -0.96 20.62 31.89
CA ARG A 476 -1.50 20.32 33.21
C ARG A 476 -2.53 21.37 33.60
N PRO A 477 -3.63 20.94 34.22
CA PRO A 477 -4.68 21.84 34.70
C PRO A 477 -4.23 22.86 35.76
N LEU A 478 -4.64 24.11 35.59
CA LEU A 478 -4.43 25.13 36.62
C LEU A 478 -5.74 25.90 36.83
N ALA A 479 -6.33 25.75 38.00
CA ALA A 479 -7.60 26.39 38.34
C ALA A 479 -7.39 27.82 38.85
N VAL A 480 -8.42 28.65 38.69
CA VAL A 480 -8.35 30.05 39.11
C VAL A 480 -9.43 30.36 40.17
N VAL A 481 -9.00 30.99 41.26
CA VAL A 481 -9.90 31.40 42.34
C VAL A 481 -9.63 32.86 42.75
N GLY A 501 -16.00 11.68 41.55
CA GLY A 501 -16.20 12.46 40.34
C GLY A 501 -14.99 12.48 39.41
N PHE A 502 -13.82 12.76 39.99
CA PHE A 502 -12.58 12.85 39.22
C PHE A 502 -11.46 12.02 39.83
N ALA A 503 -10.49 11.62 38.99
CA ALA A 503 -9.35 10.83 39.43
C ALA A 503 -8.18 11.72 39.87
N LYS A 504 -7.21 11.11 40.56
CA LYS A 504 -6.06 11.83 41.13
C LYS A 504 -5.15 12.49 40.09
N TRP A 505 -5.06 11.87 38.91
CA TRP A 505 -4.25 12.43 37.81
C TRP A 505 -4.94 13.61 37.13
N GLN A 506 -6.27 13.69 37.26
CA GLN A 506 -7.05 14.77 36.68
C GLN A 506 -7.01 16.06 37.50
N LEU A 507 -6.65 15.93 38.78
CA LEU A 507 -6.64 17.06 39.71
C LEU A 507 -5.65 18.14 39.28
N PRO A 508 -6.13 19.38 39.19
CA PRO A 508 -5.28 20.54 38.89
C PRO A 508 -4.16 20.70 39.91
N ASP A 509 -2.92 20.74 39.41
CA ASP A 509 -1.72 20.75 40.24
C ASP A 509 -1.59 21.98 41.16
N ALA A 510 -2.12 23.12 40.71
CA ALA A 510 -2.00 24.38 41.46
C ALA A 510 -3.18 25.33 41.23
N TYR A 511 -3.46 26.16 42.24
CA TYR A 511 -4.54 27.14 42.20
C TYR A 511 -3.98 28.56 42.32
N LEU A 526 -13.12 34.48 28.02
CA LEU A 526 -11.78 35.02 27.77
C LEU A 526 -10.70 34.12 28.39
N LYS A 527 -9.91 33.48 27.53
CA LYS A 527 -8.90 32.52 27.99
C LYS A 527 -7.54 32.67 27.32
N ARG A 528 -7.51 33.34 26.17
CA ARG A 528 -6.26 33.57 25.42
C ARG A 528 -5.28 34.49 26.17
N ALA A 529 -5.65 34.87 27.40
CA ALA A 529 -4.84 35.75 28.22
C ALA A 529 -4.17 34.99 29.37
N LEU A 530 -4.97 34.17 30.09
CA LEU A 530 -4.49 33.42 31.24
C LEU A 530 -3.48 32.33 30.85
N ARG A 531 -3.59 31.84 29.62
CA ARG A 531 -2.64 30.87 29.07
C ARG A 531 -1.28 31.54 28.80
N GLU A 532 -1.31 32.70 28.15
CA GLU A 532 -0.10 33.45 27.83
C GLU A 532 0.54 34.10 29.06
N GLN A 533 -0.28 34.38 30.07
CA GLN A 533 0.19 34.95 31.33
C GLN A 533 0.92 33.91 32.17
N TYR A 534 0.26 32.79 32.42
CA TYR A 534 0.81 31.71 33.23
C TYR A 534 1.50 30.66 32.35
N LYS A 535 2.06 31.12 31.24
CA LYS A 535 2.75 30.27 30.26
C LYS A 535 3.85 29.42 30.90
N ASN A 536 4.50 29.95 31.93
CA ASN A 536 5.62 29.28 32.56
C ASN A 536 5.42 29.07 34.07
N TYR A 537 4.21 28.70 34.47
CA TYR A 537 3.94 28.39 35.88
C TYR A 537 4.59 27.07 36.29
N TYR A 538 4.48 26.06 35.43
CA TYR A 538 5.07 24.75 35.69
C TYR A 538 6.49 24.62 35.11
N GLY A 539 7.03 25.75 34.67
CA GLY A 539 8.40 25.85 34.18
C GLY A 539 8.85 24.76 33.23
N GLY A 540 8.41 24.86 31.98
CA GLY A 540 8.77 23.91 30.95
C GLY A 540 9.28 24.59 29.69
N ALA A 541 10.59 24.82 29.65
CA ALA A 541 11.25 25.55 28.55
C ALA A 541 10.55 26.87 28.24
N ALA B 8 -25.90 -5.08 8.93
CA ALA B 8 -25.25 -3.75 8.70
C ALA B 8 -25.43 -2.80 9.89
N PHE B 9 -24.60 -3.00 10.92
CA PHE B 9 -24.35 -1.97 11.91
C PHE B 9 -23.42 -1.01 11.17
N PRO B 10 -23.89 0.20 10.89
CA PRO B 10 -23.19 1.10 9.96
C PRO B 10 -21.84 1.58 10.50
N SER B 11 -20.84 1.62 9.62
CA SER B 11 -19.58 2.28 9.89
C SER B 11 -19.83 3.78 9.72
N THR B 12 -19.04 4.61 10.41
CA THR B 12 -19.15 6.06 10.27
C THR B 12 -18.12 6.62 9.28
N MET B 13 -17.33 5.74 8.68
CA MET B 13 -16.28 6.13 7.74
C MET B 13 -16.87 6.76 6.48
N MET B 14 -16.20 7.80 5.98
CA MET B 14 -16.62 8.48 4.75
C MET B 14 -16.64 7.53 3.56
N ASP B 15 -17.64 7.68 2.70
CA ASP B 15 -17.72 6.92 1.47
C ASP B 15 -16.92 7.57 0.34
N GLU B 16 -15.61 7.67 0.53
CA GLU B 16 -14.73 8.23 -0.50
C GLU B 16 -14.20 7.13 -1.39
N GLU B 17 -14.20 7.39 -2.70
CA GLU B 17 -13.73 6.43 -3.70
C GLU B 17 -12.22 6.52 -3.88
N LEU B 18 -11.61 5.42 -4.30
CA LEU B 18 -10.22 5.43 -4.74
C LEU B 18 -10.15 5.90 -6.18
N ASN B 19 -9.24 6.83 -6.46
CA ASN B 19 -9.07 7.39 -7.80
C ASN B 19 -7.60 7.67 -8.09
N LEU B 20 -7.16 7.32 -9.29
CA LEU B 20 -5.77 7.50 -9.71
C LEU B 20 -5.33 8.95 -9.75
N TRP B 21 -6.26 9.86 -10.03
CA TRP B 21 -5.98 11.29 -10.10
C TRP B 21 -5.42 11.84 -8.79
N ASP B 22 -5.86 11.25 -7.67
CA ASP B 22 -5.40 11.66 -6.35
C ASP B 22 -3.88 11.57 -6.19
N PHE B 23 -3.26 10.59 -6.87
CA PHE B 23 -1.79 10.45 -6.87
C PHE B 23 -1.12 11.71 -7.42
N LEU B 24 -1.60 12.17 -8.58
CA LEU B 24 -1.02 13.35 -9.24
C LEU B 24 -1.35 14.65 -8.52
N GLU B 25 -2.58 14.75 -8.00
CA GLU B 25 -2.99 15.94 -7.25
C GLU B 25 -2.13 16.13 -5.99
N ARG B 26 -1.84 15.02 -5.31
CA ARG B 26 -0.95 15.03 -4.16
C ARG B 26 0.50 15.34 -4.57
N ALA B 27 0.94 14.78 -5.70
CA ALA B 27 2.29 15.03 -6.19
C ALA B 27 2.49 16.52 -6.51
N ALA B 28 1.49 17.13 -7.13
CA ALA B 28 1.55 18.56 -7.46
C ALA B 28 1.57 19.44 -6.22
N ALA B 29 0.82 19.06 -5.20
CA ALA B 29 0.70 19.88 -3.99
C ALA B 29 1.91 19.77 -3.07
N LEU B 30 2.45 18.56 -2.94
CA LEU B 30 3.53 18.29 -1.99
C LEU B 30 4.92 18.15 -2.62
N PHE B 31 4.96 17.61 -3.84
CA PHE B 31 6.22 17.33 -4.51
C PHE B 31 6.23 17.97 -5.90
N GLY B 32 5.64 19.16 -6.01
CA GLY B 32 5.42 19.83 -7.28
C GLY B 32 6.68 20.19 -8.07
N ARG B 33 7.79 20.37 -7.37
CA ARG B 33 9.06 20.72 -8.01
C ARG B 33 9.89 19.49 -8.39
N LYS B 34 9.43 18.29 -8.01
CA LYS B 34 10.14 17.07 -8.36
C LYS B 34 10.06 16.84 -9.86
N GLU B 35 11.17 16.37 -10.43
CA GLU B 35 11.33 16.33 -11.89
C GLU B 35 10.81 15.07 -12.56
N VAL B 36 10.31 15.26 -13.79
CA VAL B 36 10.02 14.17 -14.69
C VAL B 36 10.87 14.39 -15.94
N VAL B 37 11.82 13.48 -16.15
CA VAL B 37 12.79 13.60 -17.23
C VAL B 37 12.51 12.54 -18.30
N SER B 38 12.48 12.96 -19.56
CA SER B 38 12.21 12.07 -20.67
C SER B 38 13.26 12.19 -21.76
N ARG B 39 13.68 11.05 -22.31
CA ARG B 39 14.48 11.05 -23.52
C ARG B 39 13.55 10.76 -24.70
N LEU B 40 13.44 11.72 -25.60
CA LEU B 40 12.58 11.57 -26.78
C LEU B 40 13.24 10.68 -27.84
N HIS B 41 12.46 10.30 -28.85
CA HIS B 41 12.92 9.39 -29.90
C HIS B 41 14.15 9.89 -30.68
N THR B 42 14.40 11.20 -30.65
CA THR B 42 15.55 11.80 -31.35
C THR B 42 16.83 11.78 -30.50
N GLY B 43 16.71 11.43 -29.23
CA GLY B 43 17.85 11.41 -28.33
C GLY B 43 17.92 12.59 -27.40
N GLU B 44 17.12 13.62 -27.68
CA GLU B 44 17.05 14.83 -26.85
C GLU B 44 16.38 14.55 -25.50
N VAL B 45 16.84 15.26 -24.48
CA VAL B 45 16.33 15.10 -23.13
C VAL B 45 15.38 16.25 -22.77
N HIS B 46 14.16 15.90 -22.39
CA HIS B 46 13.14 16.87 -21.98
C HIS B 46 13.01 16.89 -20.45
N ARG B 47 12.83 18.08 -19.89
CA ARG B 47 12.67 18.26 -18.44
C ARG B 47 11.37 18.96 -18.07
N THR B 48 10.57 18.33 -17.21
CA THR B 48 9.36 18.94 -16.66
C THR B 48 9.22 18.56 -15.18
N THR B 49 8.13 18.98 -14.54
CA THR B 49 7.88 18.69 -13.13
C THR B 49 6.46 18.17 -12.89
N TYR B 50 6.21 17.64 -11.69
CA TYR B 50 4.89 17.16 -11.33
C TYR B 50 3.82 18.26 -11.38
N ALA B 51 4.19 19.47 -10.98
CA ALA B 51 3.26 20.62 -11.03
C ALA B 51 2.86 20.93 -12.48
N GLU B 52 3.83 20.89 -13.38
CA GLU B 52 3.61 21.15 -14.80
C GLU B 52 2.83 20.01 -15.46
N VAL B 53 3.19 18.77 -15.12
CA VAL B 53 2.46 17.59 -15.59
C VAL B 53 1.00 17.65 -15.14
N TYR B 54 0.78 18.06 -13.89
CA TYR B 54 -0.56 18.23 -13.31
C TYR B 54 -1.40 19.25 -14.10
N GLN B 55 -0.81 20.43 -14.34
CA GLN B 55 -1.47 21.51 -15.06
C GLN B 55 -1.80 21.09 -16.50
N ARG B 56 -0.85 20.45 -17.17
CA ARG B 56 -1.02 20.01 -18.56
C ARG B 56 -2.01 18.85 -18.70
N ALA B 57 -2.08 17.99 -17.68
CA ALA B 57 -3.04 16.90 -17.67
C ALA B 57 -4.48 17.41 -17.54
N ARG B 58 -4.65 18.52 -16.83
CA ARG B 58 -5.94 19.20 -16.73
C ARG B 58 -6.34 19.78 -18.09
N ARG B 59 -5.36 20.30 -18.83
CA ARG B 59 -5.58 20.82 -20.17
C ARG B 59 -5.90 19.70 -21.16
N LEU B 60 -5.29 18.53 -20.95
CA LEU B 60 -5.56 17.35 -21.77
C LEU B 60 -6.99 16.83 -21.55
N MET B 61 -7.47 16.88 -20.31
CA MET B 61 -8.87 16.51 -20.01
C MET B 61 -9.84 17.45 -20.75
N GLY B 62 -9.55 18.75 -20.71
CA GLY B 62 -10.35 19.74 -21.38
C GLY B 62 -10.31 19.57 -22.90
N GLY B 63 -9.12 19.28 -23.41
CA GLY B 63 -8.91 19.06 -24.83
C GLY B 63 -9.62 17.83 -25.38
N LEU B 64 -9.55 16.73 -24.63
CA LEU B 64 -10.18 15.48 -25.05
C LEU B 64 -11.71 15.57 -25.01
N ARG B 65 -12.23 16.31 -24.04
CA ARG B 65 -13.66 16.56 -23.94
C ARG B 65 -14.17 17.30 -25.19
N ALA B 66 -13.42 18.32 -25.61
CA ALA B 66 -13.75 19.07 -26.82
C ALA B 66 -13.70 18.19 -28.07
N LEU B 67 -12.94 17.10 -28.00
CA LEU B 67 -12.85 16.12 -29.08
C LEU B 67 -13.98 15.07 -29.00
N GLY B 68 -14.81 15.16 -27.96
CA GLY B 68 -15.96 14.28 -27.81
C GLY B 68 -15.77 13.07 -26.91
N VAL B 69 -14.68 13.06 -26.14
CA VAL B 69 -14.41 11.99 -25.18
C VAL B 69 -15.27 12.17 -23.92
N GLY B 70 -16.10 11.17 -23.63
CA GLY B 70 -16.93 11.18 -22.45
C GLY B 70 -16.58 10.06 -21.48
N VAL B 71 -17.29 9.99 -20.37
CA VAL B 71 -17.09 8.95 -19.35
C VAL B 71 -17.30 7.57 -19.98
N GLY B 72 -16.33 6.68 -19.78
CA GLY B 72 -16.39 5.33 -20.30
C GLY B 72 -15.74 5.16 -21.67
N ASP B 73 -15.53 6.26 -22.39
CA ASP B 73 -14.91 6.22 -23.72
C ASP B 73 -13.46 5.79 -23.64
N ARG B 74 -12.98 5.12 -24.69
CA ARG B 74 -11.62 4.60 -24.73
C ARG B 74 -10.69 5.52 -25.51
N VAL B 75 -9.58 5.89 -24.87
CA VAL B 75 -8.52 6.68 -25.51
C VAL B 75 -7.29 5.80 -25.54
N ALA B 76 -6.78 5.53 -26.73
CA ALA B 76 -5.67 4.61 -26.92
C ALA B 76 -4.34 5.33 -27.06
N THR B 77 -3.27 4.65 -26.62
CA THR B 77 -1.91 5.13 -26.84
C THR B 77 -1.05 4.10 -27.56
N LEU B 78 -0.18 4.60 -28.42
CA LEU B 78 0.84 3.81 -29.09
C LEU B 78 2.15 4.58 -28.95
N GLY B 79 2.81 4.40 -27.82
CA GLY B 79 4.04 5.13 -27.54
C GLY B 79 4.89 4.55 -26.44
N PHE B 80 6.07 5.15 -26.28
CA PHE B 80 7.05 4.70 -25.31
C PHE B 80 7.02 5.60 -24.07
N ASN B 81 8.02 5.45 -23.21
CA ASN B 81 8.02 6.19 -21.93
C ASN B 81 8.51 7.62 -22.05
N HIS B 82 7.59 8.56 -21.83
CA HIS B 82 7.89 9.99 -21.83
C HIS B 82 6.77 10.77 -21.14
N PHE B 83 7.00 12.06 -20.90
CA PHE B 83 6.10 12.90 -20.12
C PHE B 83 4.67 13.03 -20.68
N ARG B 84 4.53 12.95 -22.00
CA ARG B 84 3.21 13.05 -22.62
C ARG B 84 2.39 11.78 -22.36
N HIS B 85 3.07 10.64 -22.37
CA HIS B 85 2.43 9.37 -22.01
C HIS B 85 2.01 9.38 -20.54
N LEU B 86 2.82 10.01 -19.70
CA LEU B 86 2.54 10.13 -18.28
C LEU B 86 1.34 11.04 -18.02
N GLU B 87 1.26 12.12 -18.81
CA GLU B 87 0.14 13.05 -18.74
C GLU B 87 -1.17 12.37 -19.14
N ALA B 88 -1.12 11.51 -20.15
CA ALA B 88 -2.28 10.71 -20.57
C ALA B 88 -2.67 9.67 -19.52
N TYR B 89 -1.69 9.15 -18.80
CA TYR B 89 -1.90 8.15 -17.74
C TYR B 89 -2.80 8.68 -16.63
N PHE B 90 -2.79 10.00 -16.44
CA PHE B 90 -3.62 10.61 -15.43
C PHE B 90 -4.85 11.33 -15.97
N ALA B 91 -4.73 11.98 -17.12
CA ALA B 91 -5.82 12.76 -17.70
C ALA B 91 -7.01 11.90 -18.14
N VAL B 92 -6.70 10.78 -18.80
CA VAL B 92 -7.74 9.89 -19.32
C VAL B 92 -8.59 9.26 -18.21
N PRO B 93 -7.97 8.62 -17.22
CA PRO B 93 -8.72 8.11 -16.06
C PRO B 93 -9.29 9.25 -15.19
N GLY B 94 -8.64 10.41 -15.20
CA GLY B 94 -9.06 11.53 -14.40
C GLY B 94 -10.38 12.13 -14.84
N MET B 95 -10.70 11.98 -16.13
CA MET B 95 -11.97 12.47 -16.68
C MET B 95 -13.03 11.36 -16.74
N GLY B 96 -12.69 10.19 -16.19
CA GLY B 96 -13.61 9.07 -16.16
C GLY B 96 -13.61 8.24 -17.43
N ALA B 97 -12.60 8.48 -18.27
CA ALA B 97 -12.43 7.72 -19.51
C ALA B 97 -11.49 6.53 -19.31
N VAL B 98 -11.27 5.75 -20.36
CA VAL B 98 -10.51 4.50 -20.29
C VAL B 98 -9.25 4.57 -21.14
N LEU B 99 -8.09 4.43 -20.49
CA LEU B 99 -6.81 4.48 -21.18
C LEU B 99 -6.41 3.10 -21.69
N HIS B 100 -6.46 2.94 -23.01
CA HIS B 100 -6.11 1.69 -23.66
C HIS B 100 -4.67 1.77 -24.17
N THR B 101 -3.74 1.20 -23.41
CA THR B 101 -2.34 1.18 -23.81
C THR B 101 -2.11 0.05 -24.79
N ALA B 102 -1.82 0.42 -26.04
CA ALA B 102 -1.60 -0.55 -27.12
C ALA B 102 -0.13 -0.75 -27.43
N ASN B 103 0.21 -1.96 -27.85
CA ASN B 103 1.59 -2.35 -28.13
C ASN B 103 1.95 -2.17 -29.60
N PRO B 104 2.88 -1.25 -29.87
CA PRO B 104 3.30 -0.95 -31.25
C PRO B 104 4.19 -2.04 -31.89
N ARG B 105 4.68 -2.99 -31.09
CA ARG B 105 5.53 -4.07 -31.61
C ARG B 105 4.72 -5.19 -32.26
N LEU B 106 3.40 -5.14 -32.07
CA LEU B 106 2.51 -6.15 -32.64
C LEU B 106 2.35 -5.94 -34.14
N SER B 107 1.78 -6.93 -34.82
CA SER B 107 1.50 -6.85 -36.24
C SER B 107 0.43 -5.80 -36.52
N PRO B 108 0.51 -5.15 -37.68
CA PRO B 108 -0.52 -4.20 -38.12
C PRO B 108 -1.94 -4.76 -38.01
N LYS B 109 -2.10 -6.04 -38.31
CA LYS B 109 -3.38 -6.74 -38.19
C LYS B 109 -3.83 -6.86 -36.72
N GLU B 110 -2.89 -7.12 -35.82
CA GLU B 110 -3.17 -7.24 -34.39
C GLU B 110 -3.56 -5.90 -33.77
N ILE B 111 -2.82 -4.85 -34.13
CA ILE B 111 -3.10 -3.51 -33.62
C ILE B 111 -4.47 -3.01 -34.10
N ALA B 112 -4.77 -3.25 -35.38
CA ALA B 112 -6.06 -2.82 -35.96
C ALA B 112 -7.21 -3.57 -35.31
N TYR B 113 -7.00 -4.84 -35.00
CA TYR B 113 -7.99 -5.65 -34.31
C TYR B 113 -8.30 -5.12 -32.90
N ILE B 114 -7.26 -4.87 -32.10
CA ILE B 114 -7.48 -4.44 -30.71
C ILE B 114 -8.08 -3.04 -30.62
N LEU B 115 -7.72 -2.17 -31.56
CA LEU B 115 -8.25 -0.81 -31.61
C LEU B 115 -9.73 -0.82 -32.02
N ASN B 116 -10.08 -1.71 -32.94
CA ASN B 116 -11.47 -1.89 -33.36
C ASN B 116 -12.32 -2.60 -32.32
N HIS B 117 -11.71 -3.55 -31.61
CA HIS B 117 -12.41 -4.34 -30.59
C HIS B 117 -12.74 -3.48 -29.37
N ALA B 118 -11.79 -2.64 -28.98
CA ALA B 118 -11.96 -1.72 -27.85
C ALA B 118 -12.81 -0.49 -28.21
N GLU B 119 -13.03 -0.28 -29.51
CA GLU B 119 -13.79 0.87 -30.03
C GLU B 119 -13.19 2.21 -29.60
N ASP B 120 -11.87 2.31 -29.72
CA ASP B 120 -11.16 3.53 -29.33
C ASP B 120 -11.64 4.72 -30.16
N LYS B 121 -11.80 5.85 -29.49
CA LYS B 121 -12.30 7.05 -30.14
C LYS B 121 -11.16 7.98 -30.54
N VAL B 122 -10.11 8.03 -29.70
CA VAL B 122 -8.95 8.86 -29.96
C VAL B 122 -7.69 8.01 -29.82
N LEU B 123 -6.73 8.23 -30.71
CA LEU B 123 -5.45 7.53 -30.66
C LEU B 123 -4.29 8.53 -30.53
N LEU B 124 -3.53 8.38 -29.45
CA LEU B 124 -2.32 9.16 -29.21
C LEU B 124 -1.12 8.30 -29.53
N PHE B 125 -0.20 8.80 -30.35
CA PHE B 125 0.94 8.00 -30.79
C PHE B 125 2.23 8.80 -30.97
N ASP B 126 3.36 8.11 -30.85
CA ASP B 126 4.68 8.72 -31.00
C ASP B 126 4.97 9.03 -32.47
N PRO B 127 5.62 10.17 -32.73
CA PRO B 127 5.94 10.60 -34.11
C PRO B 127 6.69 9.55 -34.93
N ASN B 128 7.58 8.78 -34.30
CA ASN B 128 8.33 7.72 -34.98
C ASN B 128 7.50 6.49 -35.35
N LEU B 129 6.25 6.45 -34.90
CA LEU B 129 5.34 5.36 -35.23
C LEU B 129 4.28 5.81 -36.24
N LEU B 130 4.54 6.93 -36.91
CA LEU B 130 3.66 7.44 -37.96
C LEU B 130 3.46 6.48 -39.14
N PRO B 131 4.53 5.86 -39.66
CA PRO B 131 4.38 4.90 -40.76
C PRO B 131 3.44 3.74 -40.41
N LEU B 132 3.53 3.23 -39.18
CA LEU B 132 2.65 2.17 -38.71
C LEU B 132 1.18 2.61 -38.66
N VAL B 133 0.94 3.79 -38.10
CA VAL B 133 -0.41 4.34 -37.99
C VAL B 133 -1.02 4.61 -39.38
N GLU B 134 -0.22 5.15 -40.29
CA GLU B 134 -0.63 5.39 -41.69
C GLU B 134 -1.00 4.09 -42.40
N ALA B 135 -0.26 3.03 -42.07
CA ALA B 135 -0.49 1.72 -42.66
C ALA B 135 -1.78 1.05 -42.20
N ILE B 136 -2.22 1.34 -40.97
CA ILE B 136 -3.43 0.72 -40.41
C ILE B 136 -4.66 1.64 -40.42
N ARG B 137 -4.48 2.89 -40.84
CA ARG B 137 -5.55 3.89 -40.74
C ARG B 137 -6.85 3.49 -41.45
N GLY B 138 -6.71 2.93 -42.65
CA GLY B 138 -7.84 2.43 -43.43
C GLY B 138 -8.61 1.29 -42.78
N GLU B 139 -7.93 0.53 -41.91
CA GLU B 139 -8.52 -0.59 -41.21
C GLU B 139 -9.34 -0.17 -39.98
N LEU B 140 -9.04 1.01 -39.45
CA LEU B 140 -9.68 1.47 -38.21
C LEU B 140 -11.10 1.99 -38.46
N LYS B 141 -12.01 1.58 -37.60
CA LYS B 141 -13.44 1.84 -37.82
C LYS B 141 -14.06 2.80 -36.81
N THR B 142 -13.39 2.99 -35.66
CA THR B 142 -13.94 3.82 -34.59
C THR B 142 -13.12 5.07 -34.27
N VAL B 143 -11.83 5.05 -34.60
CA VAL B 143 -10.96 6.18 -34.26
C VAL B 143 -11.34 7.42 -35.05
N GLN B 144 -11.71 8.48 -34.34
CA GLN B 144 -12.15 9.73 -34.95
C GLN B 144 -11.01 10.75 -35.01
N HIS B 145 -10.16 10.75 -33.99
CA HIS B 145 -9.05 11.70 -33.92
C HIS B 145 -7.70 11.00 -33.72
N PHE B 146 -6.71 11.43 -34.51
CA PHE B 146 -5.37 10.89 -34.44
C PHE B 146 -4.43 11.97 -33.94
N VAL B 147 -3.87 11.74 -32.76
CA VAL B 147 -3.04 12.74 -32.09
C VAL B 147 -1.59 12.26 -32.03
N VAL B 148 -0.68 13.06 -32.59
CA VAL B 148 0.74 12.81 -32.50
C VAL B 148 1.29 13.44 -31.22
N MET B 149 1.93 12.60 -30.40
CA MET B 149 2.52 13.05 -29.14
C MET B 149 3.82 13.80 -29.40
N ASP B 150 3.65 15.05 -29.84
CA ASP B 150 4.74 15.92 -30.26
C ASP B 150 4.22 17.35 -30.40
N GLU B 151 5.13 18.28 -30.69
CA GLU B 151 4.78 19.68 -30.89
C GLU B 151 4.08 19.92 -32.23
N LYS B 152 4.47 19.15 -33.24
CA LYS B 152 3.94 19.30 -34.60
C LYS B 152 3.38 17.99 -35.16
N ALA B 153 2.49 18.11 -36.13
CA ALA B 153 1.87 16.96 -36.77
C ALA B 153 1.62 17.24 -38.25
N PRO B 154 1.70 16.20 -39.10
CA PRO B 154 1.41 16.35 -40.53
C PRO B 154 -0.08 16.53 -40.82
N GLU B 155 -0.41 16.72 -42.10
CA GLU B 155 -1.79 16.87 -42.56
C GLU B 155 -2.63 15.65 -42.23
N GLY B 156 -3.87 15.89 -41.80
CA GLY B 156 -4.76 14.81 -41.39
C GLY B 156 -4.50 14.31 -39.98
N TYR B 157 -3.59 14.97 -39.27
CA TYR B 157 -3.22 14.59 -37.91
C TYR B 157 -3.18 15.82 -37.00
N LEU B 158 -3.49 15.60 -35.72
CA LEU B 158 -3.50 16.66 -34.72
C LEU B 158 -2.26 16.56 -33.83
N ALA B 159 -1.61 17.69 -33.58
CA ALA B 159 -0.48 17.71 -32.66
C ALA B 159 -0.97 17.73 -31.22
N TYR B 160 -0.27 17.00 -30.36
CA TYR B 160 -0.60 16.92 -28.93
C TYR B 160 -0.72 18.29 -28.27
N GLU B 161 0.22 19.18 -28.59
CA GLU B 161 0.23 20.53 -28.04
C GLU B 161 -0.96 21.37 -28.52
N GLU B 162 -1.42 21.08 -29.75
CA GLU B 162 -2.63 21.70 -30.27
C GLU B 162 -3.87 21.13 -29.59
N ALA B 163 -3.84 19.83 -29.30
CA ALA B 163 -4.97 19.11 -28.72
C ALA B 163 -5.31 19.57 -27.30
N LEU B 164 -4.32 20.07 -26.57
CA LEU B 164 -4.53 20.57 -25.22
C LEU B 164 -5.52 21.73 -25.23
N GLY B 165 -6.46 21.73 -24.28
CA GLY B 165 -7.49 22.75 -24.20
C GLY B 165 -7.46 23.55 -22.92
N GLU B 166 -8.63 24.02 -22.48
CA GLU B 166 -8.75 24.75 -21.22
C GLU B 166 -8.56 23.78 -20.06
N GLU B 167 -8.01 24.27 -18.95
CA GLU B 167 -7.87 23.46 -17.75
C GLU B 167 -9.23 22.99 -17.25
N ALA B 168 -9.39 21.69 -17.12
CA ALA B 168 -10.64 21.12 -16.64
C ALA B 168 -10.46 20.39 -15.30
N ASP B 169 -11.50 20.40 -14.48
CA ASP B 169 -11.49 19.71 -13.20
C ASP B 169 -11.73 18.23 -13.45
N PRO B 170 -11.13 17.37 -12.64
CA PRO B 170 -11.32 15.93 -12.77
C PRO B 170 -12.75 15.51 -12.46
N VAL B 171 -13.19 14.41 -13.07
CA VAL B 171 -14.48 13.81 -12.78
C VAL B 171 -14.21 12.56 -11.95
N ARG B 172 -15.00 12.35 -10.90
CA ARG B 172 -14.85 11.16 -10.07
C ARG B 172 -15.88 10.10 -10.45
N VAL B 173 -15.40 8.89 -10.66
CA VAL B 173 -16.25 7.76 -11.01
C VAL B 173 -16.19 6.73 -9.86
N PRO B 174 -17.19 5.85 -9.76
CA PRO B 174 -17.08 4.71 -8.83
C PRO B 174 -15.73 4.02 -9.02
N GLU B 175 -15.05 3.74 -7.93
CA GLU B 175 -13.68 3.19 -7.98
C GLU B 175 -13.59 1.88 -8.77
N ARG B 176 -14.69 1.12 -8.80
CA ARG B 176 -14.72 -0.18 -9.48
C ARG B 176 -14.93 -0.05 -11.00
N ALA B 177 -15.24 1.16 -11.46
CA ALA B 177 -15.37 1.44 -12.89
C ALA B 177 -14.01 1.49 -13.60
N ALA B 178 -14.02 1.31 -14.90
CA ALA B 178 -12.80 1.24 -15.71
C ALA B 178 -11.95 2.50 -15.68
N CYS B 179 -10.64 2.32 -15.56
CA CYS B 179 -9.67 3.40 -15.72
C CYS B 179 -8.78 3.16 -16.94
N GLY B 180 -8.60 1.90 -17.29
CA GLY B 180 -7.71 1.52 -18.38
C GLY B 180 -7.92 0.10 -18.84
N MET B 181 -7.33 -0.23 -19.98
CA MET B 181 -7.43 -1.59 -20.51
C MET B 181 -6.21 -1.96 -21.35
N ALA B 182 -5.90 -3.26 -21.39
CA ALA B 182 -4.79 -3.77 -22.18
C ALA B 182 -5.09 -5.15 -22.72
N TYR B 183 -4.60 -5.45 -23.91
CA TYR B 183 -4.80 -6.77 -24.52
C TYR B 183 -3.55 -7.64 -24.41
N THR B 184 -3.76 -8.90 -24.05
CA THR B 184 -2.66 -9.86 -23.96
C THR B 184 -2.52 -10.71 -25.24
N THR B 185 -1.29 -10.87 -25.71
CA THR B 185 -1.01 -11.72 -26.86
C THR B 185 -0.42 -13.07 -26.43
N GLY B 186 -0.36 -13.27 -25.11
CA GLY B 186 0.10 -14.53 -24.52
C GLY B 186 -1.05 -15.49 -24.37
N THR B 187 -1.72 -15.78 -25.49
CA THR B 187 -2.92 -16.60 -25.52
C THR B 187 -3.06 -17.20 -26.93
N THR B 188 -3.88 -18.24 -27.05
CA THR B 188 -4.18 -18.82 -28.36
C THR B 188 -5.27 -18.01 -29.05
N GLY B 189 -5.11 -17.82 -30.36
CA GLY B 189 -6.07 -17.05 -31.14
C GLY B 189 -5.81 -15.56 -31.10
N LEU B 190 -6.88 -14.78 -31.14
CA LEU B 190 -6.79 -13.33 -31.13
C LEU B 190 -6.53 -12.78 -29.72
N PRO B 191 -5.89 -11.61 -29.62
CA PRO B 191 -5.59 -11.00 -28.31
C PRO B 191 -6.84 -10.79 -27.45
N LYS B 192 -6.68 -10.95 -26.14
CA LYS B 192 -7.78 -10.83 -25.20
C LYS B 192 -7.61 -9.60 -24.30
N GLY B 193 -8.71 -8.88 -24.09
CA GLY B 193 -8.70 -7.63 -23.35
C GLY B 193 -8.96 -7.76 -21.87
N VAL B 194 -8.18 -7.01 -21.09
CA VAL B 194 -8.32 -6.93 -19.65
C VAL B 194 -8.59 -5.48 -19.28
N VAL B 195 -9.65 -5.25 -18.50
CA VAL B 195 -10.05 -3.90 -18.13
C VAL B 195 -9.79 -3.64 -16.63
N TYR B 196 -8.88 -2.71 -16.35
CA TYR B 196 -8.49 -2.37 -14.98
C TYR B 196 -9.44 -1.32 -14.41
N SER B 197 -9.56 -1.29 -13.09
CA SER B 197 -10.36 -0.28 -12.40
C SER B 197 -9.47 0.64 -11.60
N HIS B 198 -9.99 1.81 -11.25
CA HIS B 198 -9.29 2.76 -10.40
C HIS B 198 -8.89 2.09 -9.09
N ARG B 199 -9.85 1.37 -8.50
CA ARG B 199 -9.66 0.63 -7.26
C ARG B 199 -8.49 -0.35 -7.35
N ALA B 200 -8.43 -1.10 -8.45
CA ALA B 200 -7.40 -2.13 -8.63
C ALA B 200 -5.99 -1.55 -8.66
N LEU B 201 -5.81 -0.47 -9.43
CA LEU B 201 -4.47 0.09 -9.63
C LEU B 201 -3.99 0.94 -8.45
N VAL B 202 -4.92 1.54 -7.71
CA VAL B 202 -4.57 2.27 -6.49
C VAL B 202 -4.09 1.27 -5.43
N LEU B 203 -4.84 0.19 -5.23
CA LEU B 203 -4.47 -0.88 -4.30
C LEU B 203 -3.17 -1.58 -4.69
N HIS B 204 -2.98 -1.82 -5.99
CA HIS B 204 -1.76 -2.41 -6.51
C HIS B 204 -0.56 -1.52 -6.18
N SER B 205 -0.67 -0.23 -6.52
CA SER B 205 0.40 0.74 -6.26
C SER B 205 0.81 0.78 -4.78
N LEU B 206 -0.16 0.67 -3.89
CA LEU B 206 0.10 0.66 -2.45
C LEU B 206 0.80 -0.63 -2.00
N ALA B 207 0.18 -1.77 -2.30
CA ALA B 207 0.66 -3.06 -1.80
C ALA B 207 1.99 -3.49 -2.38
N ALA B 208 2.23 -3.16 -3.65
CA ALA B 208 3.46 -3.54 -4.34
C ALA B 208 4.67 -2.67 -3.95
N SER B 209 4.39 -1.52 -3.34
CA SER B 209 5.43 -0.52 -3.06
C SER B 209 5.97 -0.56 -1.64
N LEU B 210 5.53 -1.55 -0.85
CA LEU B 210 5.99 -1.73 0.53
C LEU B 210 7.49 -2.07 0.58
N VAL B 211 8.08 -2.01 1.78
CA VAL B 211 9.50 -2.24 1.97
C VAL B 211 9.95 -3.60 1.41
N ASP B 212 9.13 -4.63 1.61
CA ASP B 212 9.40 -5.95 1.08
C ASP B 212 9.11 -6.08 -0.42
N GLY B 213 8.60 -4.99 -1.01
CA GLY B 213 8.38 -4.92 -2.45
C GLY B 213 9.40 -3.98 -3.09
N THR B 214 8.91 -3.05 -3.91
CA THR B 214 9.77 -2.11 -4.62
C THR B 214 10.33 -1.03 -3.70
N ALA B 215 9.75 -0.92 -2.50
CA ALA B 215 10.18 0.04 -1.46
C ALA B 215 10.35 1.46 -2.00
N LEU B 216 9.32 1.95 -2.69
CA LEU B 216 9.39 3.26 -3.34
C LEU B 216 9.26 4.40 -2.33
N SER B 217 10.09 5.42 -2.56
CA SER B 217 10.18 6.56 -1.65
C SER B 217 10.28 7.87 -2.44
N GLU B 218 9.94 8.97 -1.77
CA GLU B 218 10.11 10.31 -2.33
C GLU B 218 11.56 10.55 -2.79
N LYS B 219 12.52 9.99 -2.07
CA LYS B 219 13.95 10.18 -2.38
C LYS B 219 14.43 9.36 -3.59
N ASP B 220 13.64 8.38 -4.00
CA ASP B 220 13.99 7.53 -5.13
C ASP B 220 13.96 8.29 -6.44
N VAL B 221 14.80 7.85 -7.38
CA VAL B 221 14.73 8.30 -8.76
C VAL B 221 14.41 7.06 -9.57
N VAL B 222 13.20 7.02 -10.12
CA VAL B 222 12.65 5.82 -10.76
C VAL B 222 12.79 5.82 -12.29
N LEU B 223 13.37 4.77 -12.83
CA LEU B 223 13.47 4.60 -14.29
C LEU B 223 12.83 3.29 -14.73
N PRO B 224 11.61 3.36 -15.25
CA PRO B 224 10.93 2.16 -15.78
C PRO B 224 11.40 1.85 -17.19
N VAL B 225 12.15 0.76 -17.34
CA VAL B 225 12.56 0.30 -18.66
C VAL B 225 11.41 -0.51 -19.27
N VAL B 226 10.62 -1.14 -18.42
CA VAL B 226 9.38 -1.79 -18.84
C VAL B 226 8.48 -0.77 -19.57
N PRO B 227 8.03 -1.12 -20.78
CA PRO B 227 7.27 -0.17 -21.61
C PRO B 227 5.93 0.21 -21.01
N MET B 228 5.50 1.44 -21.28
CA MET B 228 4.21 1.92 -20.78
C MET B 228 3.00 1.25 -21.46
N PHE B 229 3.27 0.31 -22.37
CA PHE B 229 2.24 -0.57 -22.93
C PHE B 229 2.37 -2.02 -22.42
N HIS B 230 3.30 -2.26 -21.50
CA HIS B 230 3.38 -3.55 -20.82
C HIS B 230 2.75 -3.44 -19.42
N VAL B 231 1.46 -3.79 -19.35
CA VAL B 231 0.65 -3.68 -18.12
C VAL B 231 0.88 -2.35 -17.39
N ASN B 232 0.72 -1.25 -18.12
CA ASN B 232 0.96 0.11 -17.63
C ASN B 232 2.35 0.30 -17.02
N ALA B 233 3.37 -0.23 -17.68
CA ALA B 233 4.75 -0.23 -17.18
C ALA B 233 4.82 -0.77 -15.75
N TRP B 234 4.15 -1.89 -15.55
CA TRP B 234 4.03 -2.57 -14.25
C TRP B 234 3.48 -1.66 -13.15
N CYS B 235 2.67 -0.67 -13.55
CA CYS B 235 2.07 0.28 -12.62
C CYS B 235 3.08 1.22 -11.94
N LEU B 236 4.30 1.27 -12.47
CA LEU B 236 5.37 2.07 -11.85
C LEU B 236 5.21 3.59 -11.97
N PRO B 237 4.71 4.10 -13.11
CA PRO B 237 4.45 5.54 -13.24
C PRO B 237 3.40 6.03 -12.24
N TYR B 238 2.47 5.17 -11.86
CA TYR B 238 1.45 5.52 -10.87
C TYR B 238 2.04 5.51 -9.46
N ALA B 239 2.79 4.45 -9.14
CA ALA B 239 3.39 4.28 -7.83
C ALA B 239 4.48 5.32 -7.55
N ALA B 240 5.24 5.67 -8.60
CA ALA B 240 6.28 6.69 -8.47
C ALA B 240 5.65 8.06 -8.18
N THR B 241 4.51 8.33 -8.83
CA THR B 241 3.76 9.57 -8.60
C THR B 241 3.16 9.60 -7.19
N LEU B 242 2.68 8.44 -6.74
CA LEU B 242 2.13 8.27 -5.40
C LEU B 242 3.10 8.70 -4.29
N VAL B 243 4.34 8.24 -4.39
CA VAL B 243 5.37 8.57 -3.39
C VAL B 243 6.08 9.91 -3.67
N GLY B 244 5.91 10.45 -4.88
CA GLY B 244 6.54 11.71 -5.26
C GLY B 244 8.00 11.57 -5.69
N ALA B 245 8.37 10.37 -6.14
CA ALA B 245 9.73 10.12 -6.61
C ALA B 245 9.99 10.82 -7.94
N LYS B 246 11.25 11.20 -8.17
CA LYS B 246 11.70 11.67 -9.47
C LYS B 246 11.53 10.55 -10.51
N GLN B 247 11.01 10.90 -11.69
CA GLN B 247 10.80 9.92 -12.74
C GLN B 247 11.71 10.20 -13.93
N VAL B 248 12.38 9.14 -14.42
CA VAL B 248 13.19 9.22 -15.63
C VAL B 248 12.65 8.23 -16.65
N LEU B 249 12.19 8.76 -17.77
CA LEU B 249 11.50 7.97 -18.78
C LEU B 249 12.33 7.89 -20.06
N PRO B 250 12.86 6.70 -20.35
CA PRO B 250 13.95 6.55 -21.33
C PRO B 250 13.52 6.64 -22.80
N GLY B 251 12.22 6.54 -23.09
CA GLY B 251 11.75 6.51 -24.46
C GLY B 251 12.11 5.20 -25.16
N PRO B 252 12.09 5.20 -26.49
CA PRO B 252 12.39 3.99 -27.27
C PRO B 252 13.85 3.51 -27.22
N ARG B 253 14.80 4.39 -26.88
CA ARG B 253 16.21 4.00 -26.87
C ARG B 253 16.61 3.26 -25.59
N LEU B 254 16.55 1.93 -25.63
CA LEU B 254 16.86 1.10 -24.47
C LEU B 254 18.23 0.40 -24.59
N ASP B 255 19.05 0.88 -25.51
CA ASP B 255 20.42 0.37 -25.64
C ASP B 255 21.22 0.80 -24.39
N PRO B 256 22.19 -0.04 -23.97
CA PRO B 256 22.93 0.20 -22.72
C PRO B 256 23.57 1.58 -22.58
N ALA B 257 24.21 2.09 -23.63
CA ALA B 257 24.87 3.40 -23.57
C ALA B 257 23.87 4.51 -23.23
N SER B 258 22.71 4.48 -23.89
CA SER B 258 21.66 5.48 -23.66
C SER B 258 21.11 5.41 -22.22
N LEU B 259 21.01 4.22 -21.68
CA LEU B 259 20.48 4.03 -20.33
C LEU B 259 21.48 4.49 -19.26
N VAL B 260 22.76 4.17 -19.47
CA VAL B 260 23.82 4.53 -18.53
C VAL B 260 23.89 6.04 -18.34
N GLU B 261 23.80 6.78 -19.44
CA GLU B 261 23.75 8.24 -19.39
C GLU B 261 22.65 8.72 -18.43
N LEU B 262 21.47 8.11 -18.54
CA LEU B 262 20.35 8.45 -17.67
C LEU B 262 20.51 7.95 -16.24
N PHE B 263 21.11 6.77 -16.07
CA PHE B 263 21.37 6.19 -14.75
C PHE B 263 22.24 7.10 -13.90
N ASP B 264 23.33 7.59 -14.49
CA ASP B 264 24.29 8.43 -13.79
C ASP B 264 23.90 9.90 -13.80
N GLY B 265 23.54 10.40 -14.99
CA GLY B 265 23.22 11.80 -15.18
C GLY B 265 22.03 12.29 -14.37
N GLU B 266 21.06 11.41 -14.13
CA GLU B 266 19.87 11.78 -13.37
C GLU B 266 19.86 11.22 -11.94
N GLY B 267 20.87 10.41 -11.62
CA GLY B 267 21.00 9.83 -10.29
C GLY B 267 19.95 8.78 -9.96
N VAL B 268 19.67 7.90 -10.93
CA VAL B 268 18.69 6.83 -10.78
C VAL B 268 19.02 5.88 -9.63
N THR B 269 18.03 5.61 -8.77
CA THR B 269 18.21 4.71 -7.64
C THR B 269 17.50 3.37 -7.83
N PHE B 270 16.37 3.42 -8.54
CA PHE B 270 15.51 2.25 -8.74
C PHE B 270 15.15 2.12 -10.22
N THR B 271 15.22 0.88 -10.72
CA THR B 271 14.86 0.60 -12.10
C THR B 271 14.18 -0.76 -12.26
N ALA B 272 13.44 -0.94 -13.34
CA ALA B 272 12.71 -2.19 -13.58
C ALA B 272 12.54 -2.48 -15.07
N GLY B 273 12.78 -3.73 -15.45
CA GLY B 273 12.70 -4.15 -16.84
C GLY B 273 12.80 -5.67 -16.99
N VAL B 274 12.88 -6.11 -18.25
CA VAL B 274 12.94 -7.54 -18.58
C VAL B 274 14.40 -8.02 -18.65
N PRO B 275 14.62 -9.33 -18.49
CA PRO B 275 15.97 -9.90 -18.49
C PRO B 275 16.83 -9.52 -19.71
N THR B 276 16.24 -9.49 -20.90
CA THR B 276 16.99 -9.18 -22.12
C THR B 276 17.70 -7.83 -22.04
N VAL B 277 17.00 -6.81 -21.54
CA VAL B 277 17.58 -5.48 -21.38
C VAL B 277 18.71 -5.48 -20.35
N TRP B 278 18.51 -6.20 -19.25
CA TRP B 278 19.50 -6.25 -18.18
C TRP B 278 20.73 -7.08 -18.53
N LEU B 279 20.56 -8.04 -19.43
CA LEU B 279 21.67 -8.84 -19.93
C LEU B 279 22.55 -8.00 -20.85
N ALA B 280 21.92 -7.14 -21.65
CA ALA B 280 22.64 -6.23 -22.53
C ALA B 280 23.39 -5.16 -21.74
N LEU B 281 22.82 -4.74 -20.62
CA LEU B 281 23.43 -3.77 -19.72
C LEU B 281 24.63 -4.37 -18.99
N ALA B 282 24.45 -5.57 -18.44
CA ALA B 282 25.53 -6.28 -17.76
C ALA B 282 26.72 -6.51 -18.70
N ASP B 283 26.44 -6.94 -19.93
CA ASP B 283 27.47 -7.11 -20.95
C ASP B 283 28.23 -5.81 -21.20
N TYR B 284 27.50 -4.70 -21.28
CA TYR B 284 28.07 -3.38 -21.50
C TYR B 284 28.98 -2.95 -20.35
N LEU B 285 28.46 -3.04 -19.11
CA LEU B 285 29.19 -2.60 -17.94
C LEU B 285 30.47 -3.42 -17.71
N GLU B 286 30.38 -4.72 -17.98
CA GLU B 286 31.52 -5.61 -17.80
C GLU B 286 32.61 -5.39 -18.87
N SER B 287 32.18 -5.19 -20.11
CA SER B 287 33.09 -4.98 -21.25
C SER B 287 33.77 -3.61 -21.25
N THR B 288 33.14 -2.62 -20.62
CA THR B 288 33.72 -1.28 -20.55
C THR B 288 34.43 -1.03 -19.23
N GLY B 289 33.98 -1.71 -18.18
CA GLY B 289 34.48 -1.45 -16.84
C GLY B 289 33.80 -0.27 -16.19
N HIS B 290 32.75 0.24 -16.84
CA HIS B 290 31.95 1.32 -16.29
C HIS B 290 31.12 0.83 -15.10
N ARG B 291 31.10 1.61 -14.02
CA ARG B 291 30.28 1.28 -12.85
C ARG B 291 29.26 2.39 -12.58
N LEU B 292 28.01 1.97 -12.41
CA LEU B 292 26.92 2.88 -12.08
C LEU B 292 27.15 3.49 -10.71
N LYS B 293 26.94 4.80 -10.59
CA LYS B 293 27.25 5.51 -9.36
C LYS B 293 26.10 5.60 -8.34
N THR B 294 24.84 5.52 -8.81
CA THR B 294 23.68 5.72 -7.93
C THR B 294 22.70 4.54 -7.85
N LEU B 295 22.71 3.65 -8.83
CA LEU B 295 21.73 2.56 -8.87
C LEU B 295 21.89 1.58 -7.71
N ARG B 296 20.81 1.42 -6.94
CA ARG B 296 20.80 0.55 -5.77
C ARG B 296 19.88 -0.66 -5.96
N ARG B 297 18.70 -0.44 -6.56
CA ARG B 297 17.69 -1.48 -6.70
C ARG B 297 17.30 -1.71 -8.16
N LEU B 298 17.16 -2.98 -8.53
CA LEU B 298 16.76 -3.36 -9.87
C LEU B 298 15.76 -4.50 -9.78
N VAL B 299 14.59 -4.32 -10.38
CA VAL B 299 13.64 -5.44 -10.49
C VAL B 299 13.59 -6.02 -11.90
N VAL B 300 13.58 -7.35 -11.97
CA VAL B 300 13.49 -8.05 -13.24
C VAL B 300 12.18 -8.83 -13.27
N GLY B 301 11.40 -8.61 -14.32
CA GLY B 301 10.13 -9.29 -14.47
C GLY B 301 9.81 -9.64 -15.92
N GLY B 302 8.61 -10.16 -16.14
CA GLY B 302 8.15 -10.52 -17.48
C GLY B 302 8.60 -11.90 -17.90
N SER B 303 9.83 -12.25 -17.53
CA SER B 303 10.38 -13.57 -17.76
C SER B 303 11.28 -13.91 -16.58
N ALA B 304 11.65 -15.18 -16.45
CA ALA B 304 12.49 -15.64 -15.35
C ALA B 304 13.90 -15.06 -15.40
N ALA B 305 14.36 -14.50 -14.28
CA ALA B 305 15.71 -13.98 -14.18
C ALA B 305 16.69 -15.12 -13.96
N PRO B 306 17.65 -15.30 -14.88
CA PRO B 306 18.69 -16.32 -14.72
C PRO B 306 19.50 -16.09 -13.45
N ARG B 307 19.93 -17.17 -12.82
CA ARG B 307 20.76 -17.12 -11.63
C ARG B 307 22.03 -16.29 -11.83
N SER B 308 22.63 -16.42 -13.01
CA SER B 308 23.87 -15.69 -13.33
C SER B 308 23.63 -14.19 -13.53
N LEU B 309 22.45 -13.82 -14.01
CA LEU B 309 22.09 -12.41 -14.20
C LEU B 309 22.03 -11.70 -12.85
N ILE B 310 21.45 -12.37 -11.86
CA ILE B 310 21.33 -11.82 -10.51
C ILE B 310 22.70 -11.65 -9.86
N ALA B 311 23.55 -12.68 -10.00
CA ALA B 311 24.89 -12.67 -9.42
C ALA B 311 25.74 -11.54 -10.00
N ARG B 312 25.62 -11.30 -11.30
CA ARG B 312 26.40 -10.28 -11.98
C ARG B 312 26.11 -8.88 -11.43
N PHE B 313 24.83 -8.58 -11.21
CA PHE B 313 24.43 -7.28 -10.68
C PHE B 313 24.69 -7.12 -9.18
N GLU B 314 24.49 -8.20 -8.42
CA GLU B 314 24.78 -8.20 -6.99
C GLU B 314 26.29 -8.03 -6.73
N ARG B 315 27.09 -8.50 -7.68
CA ARG B 315 28.54 -8.33 -7.65
C ARG B 315 28.95 -6.87 -7.80
N MET B 316 28.04 -6.07 -8.36
CA MET B 316 28.28 -4.65 -8.58
C MET B 316 27.59 -3.76 -7.54
N GLY B 317 26.99 -4.38 -6.52
CA GLY B 317 26.34 -3.67 -5.44
C GLY B 317 24.87 -3.30 -5.71
N VAL B 318 24.31 -3.87 -6.77
CA VAL B 318 22.91 -3.64 -7.10
C VAL B 318 22.03 -4.78 -6.56
N GLU B 319 21.09 -4.45 -5.70
CA GLU B 319 20.14 -5.44 -5.20
C GLU B 319 19.14 -5.81 -6.30
N VAL B 320 18.98 -7.11 -6.52
CA VAL B 320 18.10 -7.62 -7.58
C VAL B 320 16.91 -8.36 -6.97
N ARG B 321 15.71 -7.91 -7.31
CA ARG B 321 14.47 -8.50 -6.81
C ARG B 321 13.56 -8.91 -7.95
N GLN B 322 13.28 -10.20 -8.04
CA GLN B 322 12.42 -10.74 -9.08
C GLN B 322 10.95 -10.41 -8.81
N GLY B 323 10.23 -10.05 -9.87
CA GLY B 323 8.79 -9.84 -9.79
C GLY B 323 8.03 -10.63 -10.83
N TYR B 324 6.83 -11.09 -10.47
CA TYR B 324 6.03 -11.90 -11.38
C TYR B 324 4.58 -11.42 -11.47
N GLY B 325 4.03 -11.46 -12.68
CA GLY B 325 2.65 -11.10 -12.92
C GLY B 325 2.23 -11.26 -14.37
N LEU B 326 0.99 -10.89 -14.65
CA LEU B 326 0.41 -11.01 -15.99
C LEU B 326 -0.33 -9.74 -16.35
N THR B 327 -0.63 -9.58 -17.64
CA THR B 327 -1.52 -8.52 -18.12
C THR B 327 -2.83 -8.58 -17.33
N GLU B 328 -3.24 -9.80 -16.98
CA GLU B 328 -4.48 -10.07 -16.26
C GLU B 328 -4.44 -9.73 -14.77
N THR B 329 -3.25 -9.48 -14.23
CA THR B 329 -3.10 -9.29 -12.78
C THR B 329 -2.50 -7.93 -12.36
N SER B 330 -2.39 -7.00 -13.31
CA SER B 330 -2.17 -5.58 -13.02
C SER B 330 -0.75 -4.95 -12.87
N PRO B 331 0.38 -5.69 -12.89
CA PRO B 331 0.49 -7.16 -12.95
C PRO B 331 0.96 -7.87 -11.68
N VAL B 332 1.49 -7.15 -10.69
CA VAL B 332 2.24 -7.78 -9.60
C VAL B 332 1.40 -8.63 -8.64
N VAL B 333 1.78 -9.90 -8.51
CA VAL B 333 1.18 -10.79 -7.53
C VAL B 333 2.26 -11.48 -6.69
N VAL B 334 3.47 -11.54 -7.21
CA VAL B 334 4.59 -12.20 -6.55
C VAL B 334 5.84 -11.33 -6.63
N GLN B 335 6.50 -11.14 -5.49
CA GLN B 335 7.77 -10.42 -5.43
C GLN B 335 8.78 -11.19 -4.60
N ASN B 336 10.04 -11.16 -5.03
CA ASN B 336 11.11 -11.83 -4.31
C ASN B 336 11.81 -10.93 -3.29
N PHE B 337 11.91 -11.42 -2.06
CA PHE B 337 12.77 -10.83 -1.03
C PHE B 337 13.21 -11.94 -0.09
N VAL B 338 14.36 -11.75 0.54
CA VAL B 338 14.91 -12.74 1.46
C VAL B 338 14.34 -12.53 2.86
N LYS B 339 13.66 -13.56 3.37
CA LYS B 339 13.13 -13.53 4.73
C LYS B 339 14.25 -13.37 5.75
N SER B 340 13.95 -12.65 6.83
CA SER B 340 14.94 -12.31 7.87
C SER B 340 15.75 -13.50 8.36
N HIS B 341 15.05 -14.60 8.67
CA HIS B 341 15.69 -15.80 9.20
C HIS B 341 16.48 -16.61 8.17
N LEU B 342 16.38 -16.23 6.89
CA LEU B 342 17.14 -16.88 5.83
C LEU B 342 18.32 -16.02 5.37
N GLU B 343 18.58 -14.93 6.09
CA GLU B 343 19.72 -14.08 5.81
C GLU B 343 21.02 -14.74 6.22
N SER B 344 20.91 -15.75 7.09
CA SER B 344 22.08 -16.50 7.57
C SER B 344 22.49 -17.63 6.63
N LEU B 345 21.73 -17.84 5.55
CA LEU B 345 22.10 -18.79 4.52
C LEU B 345 23.40 -18.36 3.85
N SER B 346 24.11 -19.31 3.26
CA SER B 346 25.36 -19.02 2.54
C SER B 346 25.08 -18.16 1.31
N GLU B 347 26.14 -17.54 0.78
CA GLU B 347 26.07 -16.78 -0.46
C GLU B 347 25.39 -17.57 -1.57
N GLU B 348 25.82 -18.82 -1.76
CA GLU B 348 25.29 -19.70 -2.81
C GLU B 348 23.80 -19.98 -2.63
N GLU B 349 23.40 -20.31 -1.40
CA GLU B 349 22.02 -20.61 -1.09
C GLU B 349 21.10 -19.39 -1.26
N LYS B 350 21.61 -18.21 -0.91
CA LYS B 350 20.87 -16.97 -1.01
C LYS B 350 20.66 -16.56 -2.47
N LEU B 351 21.69 -16.78 -3.28
CA LEU B 351 21.62 -16.54 -4.71
C LEU B 351 20.58 -17.44 -5.37
N THR B 352 20.48 -18.67 -4.89
CA THR B 352 19.50 -19.64 -5.38
C THR B 352 18.09 -19.21 -4.98
N LEU B 353 17.94 -18.74 -3.75
CA LEU B 353 16.65 -18.25 -3.25
C LEU B 353 16.19 -17.00 -4.01
N LYS B 354 17.14 -16.14 -4.37
CA LYS B 354 16.85 -14.94 -5.16
C LYS B 354 16.42 -15.27 -6.58
N ALA B 355 16.89 -16.43 -7.08
CA ALA B 355 16.55 -16.91 -8.41
C ALA B 355 15.13 -17.48 -8.49
N LYS B 356 14.54 -17.79 -7.32
CA LYS B 356 13.15 -18.21 -7.25
C LYS B 356 12.24 -17.04 -7.57
N THR B 357 11.01 -17.35 -7.99
CA THR B 357 10.06 -16.30 -8.39
C THR B 357 9.73 -15.37 -7.22
N GLY B 358 9.49 -15.94 -6.04
CA GLY B 358 9.30 -15.14 -4.85
C GLY B 358 8.08 -15.48 -4.02
N LEU B 359 7.66 -14.50 -3.19
CA LEU B 359 6.54 -14.68 -2.28
C LEU B 359 5.30 -13.90 -2.74
N PRO B 360 4.12 -14.48 -2.55
CA PRO B 360 2.87 -13.79 -2.87
C PRO B 360 2.76 -12.52 -2.04
N ILE B 361 2.33 -11.42 -2.67
CA ILE B 361 2.31 -10.12 -2.01
C ILE B 361 0.95 -9.87 -1.31
N PRO B 362 0.87 -8.86 -0.44
CA PRO B 362 -0.37 -8.55 0.27
C PRO B 362 -1.59 -8.39 -0.65
N LEU B 363 -2.75 -8.83 -0.16
CA LEU B 363 -4.04 -8.75 -0.87
C LEU B 363 -4.12 -9.68 -2.10
N VAL B 364 -3.25 -10.68 -2.14
CA VAL B 364 -3.25 -11.68 -3.20
C VAL B 364 -3.41 -13.06 -2.56
N ARG B 365 -4.42 -13.78 -3.01
CA ARG B 365 -4.59 -15.18 -2.66
C ARG B 365 -4.02 -16.04 -3.78
N LEU B 366 -2.87 -16.64 -3.51
CA LEU B 366 -2.19 -17.49 -4.47
C LEU B 366 -2.19 -18.94 -4.01
N ARG B 367 -2.44 -19.85 -4.95
CA ARG B 367 -2.26 -21.28 -4.72
C ARG B 367 -1.62 -21.94 -5.94
N VAL B 368 -0.90 -23.04 -5.69
CA VAL B 368 -0.39 -23.89 -6.75
C VAL B 368 -1.23 -25.16 -6.69
N ALA B 369 -2.15 -25.30 -7.64
CA ALA B 369 -3.20 -26.32 -7.55
C ALA B 369 -3.22 -27.29 -8.71
N ASP B 370 -3.86 -28.45 -8.48
CA ASP B 370 -4.02 -29.47 -9.52
C ASP B 370 -5.26 -29.22 -10.38
N GLU B 371 -5.69 -30.27 -11.10
CA GLU B 371 -6.79 -30.16 -12.05
C GLU B 371 -8.15 -29.95 -11.40
N GLU B 372 -8.30 -30.42 -10.17
CA GLU B 372 -9.55 -30.26 -9.42
C GLU B 372 -9.57 -28.96 -8.61
N GLY B 373 -8.41 -28.31 -8.52
CA GLY B 373 -8.27 -27.07 -7.77
C GLY B 373 -7.76 -27.27 -6.36
N ARG B 374 -7.16 -28.45 -6.11
CA ARG B 374 -6.60 -28.76 -4.80
C ARG B 374 -5.12 -28.41 -4.78
N PRO B 375 -4.69 -27.74 -3.71
CA PRO B 375 -3.28 -27.37 -3.54
C PRO B 375 -2.36 -28.60 -3.61
N VAL B 376 -1.26 -28.48 -4.35
CA VAL B 376 -0.25 -29.53 -4.42
C VAL B 376 0.69 -29.41 -3.20
N PRO B 377 1.35 -30.50 -2.81
CA PRO B 377 2.28 -30.50 -1.67
C PRO B 377 3.35 -29.40 -1.76
N LYS B 378 3.68 -28.82 -0.61
CA LYS B 378 4.63 -27.73 -0.53
C LYS B 378 6.07 -28.22 -0.32
N ASP B 379 6.48 -29.15 -1.16
CA ASP B 379 7.83 -29.74 -1.07
C ASP B 379 8.81 -29.17 -2.09
N GLY B 380 8.33 -28.26 -2.94
CA GLY B 380 9.15 -27.66 -3.98
C GLY B 380 9.45 -28.61 -5.13
N LYS B 381 8.63 -29.65 -5.26
CA LYS B 381 8.79 -30.69 -6.27
C LYS B 381 7.51 -30.90 -7.07
N ALA B 382 6.39 -31.02 -6.36
CA ALA B 382 5.09 -31.28 -6.99
C ALA B 382 4.65 -30.10 -7.86
N LEU B 383 4.28 -30.41 -9.10
CA LEU B 383 3.89 -29.39 -10.06
C LEU B 383 2.38 -29.14 -10.06
N GLY B 384 2.02 -27.88 -10.24
CA GLY B 384 0.62 -27.47 -10.31
C GLY B 384 0.50 -26.11 -10.97
N GLU B 385 -0.74 -25.69 -11.20
CA GLU B 385 -1.00 -24.41 -11.86
C GLU B 385 -1.16 -23.27 -10.84
N VAL B 386 -0.52 -22.14 -11.13
CA VAL B 386 -0.69 -20.94 -10.31
C VAL B 386 -2.07 -20.37 -10.53
N GLN B 387 -2.84 -20.25 -9.45
CA GLN B 387 -4.21 -19.77 -9.51
C GLN B 387 -4.40 -18.65 -8.50
N LEU B 388 -5.11 -17.59 -8.91
CA LEU B 388 -5.11 -16.35 -8.14
C LEU B 388 -6.49 -15.75 -7.88
N LYS B 389 -6.61 -15.07 -6.75
CA LYS B 389 -7.80 -14.31 -6.40
C LYS B 389 -7.41 -13.04 -5.66
N GLY B 390 -8.07 -11.94 -5.98
CA GLY B 390 -7.77 -10.66 -5.37
C GLY B 390 -8.40 -9.48 -6.09
N PRO B 391 -8.36 -8.30 -5.44
CA PRO B 391 -8.99 -7.09 -5.99
C PRO B 391 -8.35 -6.51 -7.26
N TRP B 392 -7.12 -6.88 -7.62
CA TRP B 392 -6.53 -6.45 -8.90
C TRP B 392 -6.23 -7.60 -9.85
N ILE B 393 -6.88 -8.74 -9.62
CA ILE B 393 -6.82 -9.89 -10.52
C ILE B 393 -8.09 -9.94 -11.35
N THR B 394 -7.95 -10.13 -12.65
CA THR B 394 -9.10 -10.13 -13.55
C THR B 394 -10.04 -11.32 -13.29
N GLY B 395 -11.34 -11.07 -13.43
CA GLY B 395 -12.35 -12.11 -13.29
C GLY B 395 -12.83 -12.59 -14.64
N GLY B 396 -12.21 -12.08 -15.70
CA GLY B 396 -12.54 -12.48 -17.05
C GLY B 396 -11.93 -11.58 -18.10
N TYR B 397 -12.46 -11.67 -19.31
CA TYR B 397 -11.97 -10.91 -20.45
C TYR B 397 -13.09 -10.09 -21.07
N TYR B 398 -12.74 -8.96 -21.66
CA TYR B 398 -13.72 -8.07 -22.27
C TYR B 398 -14.30 -8.65 -23.57
N GLY B 399 -15.62 -8.83 -23.59
CA GLY B 399 -16.34 -9.29 -24.77
C GLY B 399 -16.00 -10.69 -25.26
N ASN B 400 -15.67 -11.59 -24.33
CA ASN B 400 -15.36 -12.98 -24.67
C ASN B 400 -15.77 -13.94 -23.55
N GLU B 401 -16.98 -14.48 -23.68
CA GLU B 401 -17.51 -15.43 -22.70
C GLU B 401 -16.71 -16.73 -22.64
N GLU B 402 -16.32 -17.26 -23.80
CA GLU B 402 -15.60 -18.53 -23.86
C GLU B 402 -14.29 -18.43 -23.10
N ALA B 403 -13.53 -17.36 -23.37
CA ALA B 403 -12.25 -17.13 -22.72
C ALA B 403 -12.42 -16.84 -21.22
N THR B 404 -13.52 -16.18 -20.87
CA THR B 404 -13.82 -15.88 -19.47
C THR B 404 -14.05 -17.16 -18.67
N ARG B 405 -14.95 -18.02 -19.15
CA ARG B 405 -15.26 -19.27 -18.44
C ARG B 405 -14.11 -20.26 -18.40
N SER B 406 -13.25 -20.23 -19.42
CA SER B 406 -12.09 -21.11 -19.46
C SER B 406 -10.90 -20.58 -18.62
N ALA B 407 -11.03 -19.35 -18.13
CA ALA B 407 -9.97 -18.73 -17.32
C ALA B 407 -10.22 -18.85 -15.82
N LEU B 408 -11.37 -19.41 -15.43
CA LEU B 408 -11.72 -19.51 -14.03
C LEU B 408 -11.98 -20.94 -13.57
N THR B 409 -11.62 -21.21 -12.31
CA THR B 409 -11.96 -22.46 -11.66
C THR B 409 -13.40 -22.38 -11.13
N PRO B 410 -14.02 -23.53 -10.83
CA PRO B 410 -15.36 -23.53 -10.22
C PRO B 410 -15.45 -22.60 -9.00
N ASP B 411 -14.41 -22.56 -8.16
CA ASP B 411 -14.45 -21.72 -6.97
C ASP B 411 -13.97 -20.26 -7.17
N GLY B 412 -13.78 -19.88 -8.44
CA GLY B 412 -13.57 -18.49 -8.79
C GLY B 412 -12.14 -17.97 -8.91
N PHE B 413 -11.15 -18.87 -8.92
CA PHE B 413 -9.75 -18.47 -9.06
C PHE B 413 -9.38 -18.29 -10.54
N PHE B 414 -8.56 -17.28 -10.83
CA PHE B 414 -8.06 -17.07 -12.18
C PHE B 414 -6.94 -18.04 -12.51
N ARG B 415 -7.06 -18.72 -13.66
CA ARG B 415 -6.06 -19.67 -14.12
C ARG B 415 -5.00 -18.95 -14.97
N THR B 416 -3.76 -18.92 -14.49
CA THR B 416 -2.67 -18.20 -15.17
C THR B 416 -2.11 -18.94 -16.37
N GLY B 417 -2.13 -20.27 -16.30
CA GLY B 417 -1.51 -21.11 -17.31
C GLY B 417 -0.04 -21.37 -17.01
N ASP B 418 0.39 -20.99 -15.80
CA ASP B 418 1.77 -21.16 -15.38
C ASP B 418 1.91 -22.36 -14.46
N ILE B 419 2.87 -23.22 -14.76
CA ILE B 419 3.18 -24.38 -13.93
C ILE B 419 4.30 -24.01 -12.98
N ALA B 420 4.09 -24.32 -11.70
CA ALA B 420 5.03 -23.93 -10.66
C ALA B 420 5.14 -24.98 -9.56
N VAL B 421 6.19 -24.85 -8.75
CA VAL B 421 6.29 -25.54 -7.47
C VAL B 421 6.31 -24.49 -6.36
N TRP B 422 5.96 -24.89 -5.15
CA TRP B 422 6.09 -24.02 -3.99
C TRP B 422 6.59 -24.81 -2.77
N ASP B 423 7.31 -24.14 -1.88
CA ASP B 423 7.88 -24.79 -0.69
C ASP B 423 7.18 -24.37 0.59
N GLU B 424 7.67 -24.89 1.71
CA GLU B 424 7.09 -24.64 3.04
C GLU B 424 7.25 -23.19 3.48
N GLU B 425 8.24 -22.50 2.93
CA GLU B 425 8.49 -21.10 3.25
C GLU B 425 7.52 -20.16 2.50
N GLY B 426 6.86 -20.70 1.48
CA GLY B 426 5.90 -19.93 0.71
C GLY B 426 6.44 -19.42 -0.61
N TYR B 427 7.70 -19.75 -0.92
CA TYR B 427 8.34 -19.30 -2.16
C TYR B 427 7.81 -20.07 -3.37
N VAL B 428 7.48 -19.33 -4.41
CA VAL B 428 6.99 -19.88 -5.66
C VAL B 428 8.14 -19.94 -6.67
N GLU B 429 8.18 -21.00 -7.48
CA GLU B 429 9.12 -21.10 -8.60
C GLU B 429 8.37 -21.47 -9.88
N ILE B 430 8.34 -20.56 -10.84
CA ILE B 430 7.74 -20.85 -12.14
C ILE B 430 8.66 -21.78 -12.91
N LYS B 431 8.12 -22.93 -13.31
CA LYS B 431 8.93 -23.97 -13.96
C LYS B 431 8.53 -24.19 -15.41
N ASP B 432 7.24 -24.06 -15.71
CA ASP B 432 6.71 -24.38 -17.02
C ASP B 432 5.45 -23.58 -17.38
N ARG B 433 4.87 -23.88 -18.54
CA ARG B 433 3.68 -23.21 -19.04
C ARG B 433 2.73 -24.22 -19.67
N LEU B 434 1.45 -24.15 -19.30
CA LEU B 434 0.41 -24.97 -19.93
C LEU B 434 0.17 -24.44 -21.33
N LYS B 435 0.01 -23.13 -21.43
CA LYS B 435 -0.15 -22.43 -22.70
C LYS B 435 1.06 -22.70 -23.58
N ASP B 436 0.81 -22.92 -24.86
CA ASP B 436 1.86 -23.31 -25.79
C ASP B 436 2.34 -22.13 -26.63
N LEU B 437 3.22 -21.33 -26.04
CA LEU B 437 3.74 -20.14 -26.72
C LEU B 437 5.23 -19.95 -26.47
N ILE B 438 5.84 -19.04 -27.22
CA ILE B 438 7.23 -18.67 -27.02
C ILE B 438 7.30 -17.20 -26.60
N LYS B 439 8.01 -16.94 -25.50
CA LYS B 439 8.24 -15.56 -25.08
C LYS B 439 9.68 -15.16 -25.37
N SER B 440 9.84 -14.31 -26.38
CA SER B 440 11.16 -13.87 -26.85
C SER B 440 11.37 -12.38 -26.56
N GLY B 441 12.32 -12.08 -25.68
CA GLY B 441 12.64 -10.72 -25.30
C GLY B 441 11.44 -9.94 -24.75
N GLY B 442 10.54 -10.65 -24.08
CA GLY B 442 9.36 -10.04 -23.50
C GLY B 442 8.14 -9.99 -24.39
N GLU B 443 8.25 -10.55 -25.60
CA GLU B 443 7.12 -10.57 -26.54
C GLU B 443 6.75 -11.98 -26.98
N TRP B 444 5.46 -12.18 -27.22
CA TRP B 444 4.89 -13.51 -27.47
C TRP B 444 4.92 -13.94 -28.93
N ILE B 445 5.26 -15.21 -29.14
CA ILE B 445 5.19 -15.86 -30.44
C ILE B 445 4.32 -17.10 -30.30
N SER B 446 3.26 -17.18 -31.10
CA SER B 446 2.38 -18.34 -31.08
C SER B 446 2.98 -19.51 -31.87
N SER B 447 3.27 -20.61 -31.18
CA SER B 447 3.80 -21.82 -31.81
C SER B 447 2.79 -22.40 -32.81
N VAL B 448 1.52 -22.39 -32.42
CA VAL B 448 0.42 -22.88 -33.25
C VAL B 448 0.30 -22.09 -34.56
N ASP B 449 0.24 -20.77 -34.45
CA ASP B 449 0.16 -19.89 -35.63
C ASP B 449 1.36 -20.11 -36.56
N LEU B 450 2.49 -20.54 -35.99
CA LEU B 450 3.69 -20.87 -36.77
C LEU B 450 3.61 -22.27 -37.35
N GLU B 451 3.06 -23.21 -36.58
CA GLU B 451 2.90 -24.60 -37.02
C GLU B 451 1.88 -24.72 -38.14
N ASN B 452 0.65 -24.32 -37.85
CA ASN B 452 -0.47 -24.40 -38.78
C ASN B 452 -0.24 -23.67 -40.09
N ALA B 453 0.56 -22.60 -40.04
CA ALA B 453 0.99 -21.89 -41.24
C ALA B 453 1.99 -22.74 -42.03
N LEU B 454 3.03 -23.21 -41.35
CA LEU B 454 4.09 -24.03 -41.96
C LEU B 454 3.54 -25.28 -42.64
N MET B 455 2.66 -25.99 -41.93
CA MET B 455 2.05 -27.23 -42.44
C MET B 455 1.17 -27.00 -43.67
N GLY B 456 0.86 -25.73 -43.95
CA GLY B 456 0.13 -25.34 -45.14
C GLY B 456 0.93 -25.53 -46.42
N HIS B 457 2.25 -25.67 -46.28
CA HIS B 457 3.13 -25.94 -47.41
C HIS B 457 2.92 -27.36 -47.94
N ALA B 463 4.75 -30.28 -38.90
CA ALA B 463 5.68 -29.35 -38.26
C ALA B 463 5.40 -29.20 -36.77
N ALA B 464 6.45 -28.96 -36.00
CA ALA B 464 6.32 -28.73 -34.56
C ALA B 464 7.28 -27.63 -34.10
N VAL B 465 6.71 -26.55 -33.58
CA VAL B 465 7.48 -25.40 -33.12
C VAL B 465 7.51 -25.38 -31.59
N VAL B 466 8.72 -25.44 -31.02
CA VAL B 466 8.88 -25.43 -29.57
C VAL B 466 9.78 -24.30 -29.08
N ALA B 467 9.61 -23.93 -27.80
CA ALA B 467 10.44 -22.92 -27.17
C ALA B 467 11.73 -23.54 -26.67
N ILE B 468 12.85 -22.97 -27.10
CA ILE B 468 14.18 -23.42 -26.66
C ILE B 468 14.88 -22.29 -25.92
N PRO B 469 15.45 -22.58 -24.76
CA PRO B 469 16.24 -21.60 -23.99
C PRO B 469 17.28 -20.87 -24.84
N HIS B 470 17.37 -19.56 -24.64
CA HIS B 470 18.32 -18.71 -25.34
C HIS B 470 19.03 -17.77 -24.34
N PRO B 471 20.34 -17.56 -24.55
CA PRO B 471 21.14 -16.65 -23.70
C PRO B 471 20.64 -15.21 -23.67
N LYS B 472 20.48 -14.62 -24.85
CA LYS B 472 20.08 -13.23 -25.03
C LYS B 472 18.59 -13.05 -24.78
N TRP B 473 17.79 -13.52 -25.73
CA TRP B 473 16.35 -13.57 -25.58
C TRP B 473 16.08 -14.65 -24.53
N GLN B 474 14.84 -14.92 -24.18
CA GLN B 474 14.67 -15.89 -23.10
C GLN B 474 14.19 -17.23 -23.60
N GLU B 475 13.73 -17.22 -24.85
CA GLU B 475 13.25 -18.38 -25.54
C GLU B 475 13.26 -18.03 -27.02
N ARG B 476 13.54 -19.02 -27.85
CA ARG B 476 13.50 -18.86 -29.29
C ARG B 476 12.83 -20.08 -29.90
N PRO B 477 12.08 -19.88 -30.99
CA PRO B 477 11.36 -20.98 -31.64
C PRO B 477 12.28 -21.96 -32.37
N LEU B 478 12.01 -23.25 -32.22
CA LEU B 478 12.68 -24.28 -33.02
C LEU B 478 11.65 -25.14 -33.73
N ALA B 479 11.68 -25.11 -35.06
CA ALA B 479 10.74 -25.87 -35.87
C ALA B 479 11.30 -27.24 -36.22
N VAL B 480 10.54 -28.28 -35.88
CA VAL B 480 10.97 -29.66 -36.10
C VAL B 480 10.23 -30.29 -37.28
N ASN B 494 11.08 -19.97 -44.41
CA ASN B 494 10.95 -18.63 -43.86
C ASN B 494 9.96 -17.76 -44.64
N GLU B 495 10.13 -17.73 -45.96
CA GLU B 495 9.32 -16.90 -46.86
C GLU B 495 7.83 -17.20 -46.77
N HIS B 496 7.50 -18.47 -46.59
CA HIS B 496 6.10 -18.90 -46.42
C HIS B 496 5.49 -18.31 -45.15
N LEU B 497 6.29 -18.27 -44.08
CA LEU B 497 5.84 -17.75 -42.79
C LEU B 497 5.67 -16.24 -42.79
N LEU B 498 6.56 -15.53 -43.49
CA LEU B 498 6.49 -14.07 -43.61
C LEU B 498 5.24 -13.62 -44.36
N LYS B 499 4.84 -14.42 -45.36
CA LYS B 499 3.68 -14.12 -46.20
C LYS B 499 2.36 -14.30 -45.46
N ALA B 500 2.32 -15.25 -44.54
CA ALA B 500 1.12 -15.52 -43.74
C ALA B 500 0.87 -14.45 -42.67
N GLY B 501 1.78 -13.46 -42.60
CA GLY B 501 1.64 -12.34 -41.68
C GLY B 501 2.51 -12.43 -40.44
N PHE B 502 3.80 -12.71 -40.64
CA PHE B 502 4.76 -12.76 -39.54
C PHE B 502 5.93 -11.81 -39.78
N ALA B 503 6.46 -11.26 -38.69
CA ALA B 503 7.61 -10.37 -38.75
C ALA B 503 8.93 -11.15 -38.63
N LYS B 504 10.03 -10.48 -38.93
CA LYS B 504 11.37 -11.07 -38.90
C LYS B 504 11.73 -11.70 -37.55
N TRP B 505 11.35 -11.00 -36.47
CA TRP B 505 11.69 -11.43 -35.12
C TRP B 505 10.97 -12.72 -34.69
N GLN B 506 9.84 -13.00 -35.33
CA GLN B 506 9.04 -14.18 -35.01
C GLN B 506 9.57 -15.47 -35.65
N LEU B 507 10.36 -15.33 -36.71
CA LEU B 507 10.88 -16.47 -37.47
C LEU B 507 11.79 -17.37 -36.64
N PRO B 508 11.54 -18.68 -36.70
CA PRO B 508 12.37 -19.67 -35.99
C PRO B 508 13.82 -19.62 -36.47
N ASP B 509 14.75 -19.69 -35.51
CA ASP B 509 16.17 -19.55 -35.80
C ASP B 509 16.77 -20.79 -36.51
N ALA B 510 16.15 -21.95 -36.30
CA ALA B 510 16.64 -23.19 -36.87
C ALA B 510 15.54 -24.22 -37.19
N TYR B 511 15.82 -25.06 -38.18
CA TYR B 511 14.91 -26.13 -38.58
C TYR B 511 15.62 -27.48 -38.52
N VAL B 512 14.96 -28.48 -37.95
CA VAL B 512 15.53 -29.82 -37.81
C VAL B 512 14.54 -30.88 -38.30
N PHE B 513 14.99 -31.69 -39.27
CA PHE B 513 14.14 -32.69 -39.90
C PHE B 513 14.26 -34.07 -39.24
N GLY B 523 -4.52 -35.97 -31.49
CA GLY B 523 -3.76 -35.58 -32.66
C GLY B 523 -2.88 -34.37 -32.43
N LYS B 524 -2.35 -34.25 -31.21
CA LYS B 524 -1.47 -33.15 -30.84
C LYS B 524 -0.01 -33.59 -30.90
N PHE B 525 0.90 -32.66 -30.59
CA PHE B 525 2.33 -32.96 -30.61
C PHE B 525 2.89 -33.18 -29.22
N LEU B 526 3.64 -34.28 -29.07
CA LEU B 526 4.35 -34.60 -27.83
C LEU B 526 5.58 -33.70 -27.73
N LYS B 527 5.39 -32.53 -27.11
CA LYS B 527 6.37 -31.46 -27.14
C LYS B 527 7.48 -31.56 -26.10
N ARG B 528 7.15 -32.09 -24.92
CA ARG B 528 8.11 -32.23 -23.82
C ARG B 528 9.38 -32.99 -24.21
N ALA B 529 9.25 -33.92 -25.16
CA ALA B 529 10.39 -34.69 -25.66
C ALA B 529 11.29 -33.86 -26.56
N LEU B 530 10.67 -33.13 -27.50
CA LEU B 530 11.40 -32.25 -28.42
C LEU B 530 12.08 -31.10 -27.68
N ARG B 531 11.45 -30.63 -26.60
CA ARG B 531 12.01 -29.58 -25.76
C ARG B 531 13.24 -30.07 -25.00
N GLU B 532 13.17 -31.30 -24.50
CA GLU B 532 14.26 -31.88 -23.71
C GLU B 532 15.42 -32.36 -24.60
N GLN B 533 15.10 -32.80 -25.81
CA GLN B 533 16.11 -33.28 -26.75
C GLN B 533 16.95 -32.14 -27.32
N TYR B 534 16.31 -31.01 -27.62
CA TYR B 534 16.98 -29.86 -28.22
C TYR B 534 17.16 -28.72 -27.22
N LYS B 535 17.26 -29.09 -25.94
CA LYS B 535 17.41 -28.15 -24.83
C LYS B 535 18.56 -27.14 -25.02
N ASN B 536 19.68 -27.63 -25.56
CA ASN B 536 20.86 -26.79 -25.76
C ASN B 536 21.19 -26.50 -27.23
N TYR B 537 20.18 -26.59 -28.10
CA TYR B 537 20.38 -26.34 -29.53
C TYR B 537 20.84 -24.90 -29.79
N TYR B 538 20.17 -23.95 -29.15
CA TYR B 538 20.60 -22.55 -29.21
C TYR B 538 21.57 -22.31 -28.05
N GLY B 539 22.70 -23.02 -28.12
CA GLY B 539 23.78 -23.00 -27.14
C GLY B 539 23.65 -22.03 -25.99
N GLY B 540 23.40 -22.58 -24.80
CA GLY B 540 23.24 -21.78 -23.61
C GLY B 540 21.78 -21.78 -23.16
N ALA B 541 21.55 -22.27 -21.95
CA ALA B 541 20.21 -22.32 -21.37
C ALA B 541 19.80 -20.97 -20.78
#